data_5G13
#
_entry.id   5G13
#
_cell.length_a   81.495
_cell.length_b   81.495
_cell.length_c   205.265
_cell.angle_alpha   90.00
_cell.angle_beta   90.00
_cell.angle_gamma   90.00
#
_symmetry.space_group_name_H-M   'P 41 21 2'
#
loop_
_entity.id
_entity.type
_entity.pdbx_description
1 polymer HDAH
2 non-polymer 'ZINC ION'
3 non-polymer 'POTASSIUM ION'
4 water water
#
_entity_poly.entity_id   1
_entity_poly.type   'polypeptide(L)'
_entity_poly.pdbx_seq_one_letter_code
;TRRTAFFFDELCLWHAAGPHALTLPVGGWVQPPAAAGHAESPETKRRLKSLLDVSGLTARLQLRSAPPASDEDLLRVHPA
HYLERFKALSDAGGGSLGQDAPIGPGSYEIARLSAGLAIAALDAVLAGEADNAYSLSRPPGAHCLPDQAMGFCFFANIAV
AIEAAKARHGVERVAVLDWDVHHGNGTQAIYYRRDDVLSISLHQDGCFPPGYSGAEDIGEDRGRGFNLNVPLLPGGGHDA
YMQAMQRIVLPALERFRPQLIVVASGFDANAVDPLARMQLHSDSFRAMTAMVRDAAERHAGGRLVVVHEGGYSEAYVPFC
GLAVIEELSGVRSAVRDPLRDFIELQQPNAAFRDFQRQRLEELAAQFGLCPAQPLQAAR
;
_entity_poly.pdbx_strand_id   A,B
#
loop_
_chem_comp.id
_chem_comp.type
_chem_comp.name
_chem_comp.formula
K non-polymer 'POTASSIUM ION' 'K 1'
ZN non-polymer 'ZINC ION' 'Zn 2'
#
# COMPACT_ATOMS: atom_id res chain seq x y z
N THR A 1 4.77 31.18 14.91
CA THR A 1 5.24 31.86 13.67
C THR A 1 6.78 32.05 13.66
N ARG A 2 7.45 31.04 13.10
CA ARG A 2 8.89 31.06 12.87
C ARG A 2 9.11 31.43 11.40
N ARG A 3 10.36 31.63 11.01
CA ARG A 3 10.70 31.93 9.63
C ARG A 3 11.09 30.64 8.88
N THR A 4 10.19 30.14 8.04
CA THR A 4 10.41 28.91 7.26
C THR A 4 10.62 29.22 5.79
N ALA A 5 11.77 28.84 5.26
CA ALA A 5 12.05 28.93 3.83
C ALA A 5 11.55 27.66 3.13
N PHE A 6 10.83 27.86 2.04
CA PHE A 6 10.31 26.78 1.22
C PHE A 6 11.05 26.83 -0.12
N PHE A 7 11.96 25.88 -0.32
CA PHE A 7 12.71 25.79 -1.58
C PHE A 7 11.99 24.88 -2.55
N PHE A 8 11.70 25.43 -3.73
CA PHE A 8 10.86 24.78 -4.74
C PHE A 8 11.27 25.31 -6.10
N ASP A 9 11.29 24.44 -7.10
CA ASP A 9 11.36 24.88 -8.49
C ASP A 9 10.42 24.04 -9.31
N GLU A 10 9.55 24.71 -10.07
CA GLU A 10 8.58 24.03 -10.96
C GLU A 10 9.26 22.97 -11.85
N LEU A 11 10.47 23.26 -12.30
CA LEU A 11 11.20 22.36 -13.19
C LEU A 11 11.53 20.96 -12.59
N CYS A 12 11.68 20.86 -11.27
CA CYS A 12 11.78 19.54 -10.60
C CYS A 12 10.58 18.63 -10.89
N LEU A 13 9.41 19.22 -11.13
CA LEU A 13 8.21 18.44 -11.48
C LEU A 13 8.19 17.98 -12.96
N TRP A 14 9.17 18.41 -13.76
CA TRP A 14 9.26 18.04 -15.18
C TRP A 14 10.15 16.81 -15.44
N HIS A 15 10.82 16.30 -14.41
CA HIS A 15 11.58 15.06 -14.54
C HIS A 15 10.58 13.90 -14.64
N ALA A 16 10.72 13.06 -15.66
CA ALA A 16 9.81 11.92 -15.81
C ALA A 16 10.50 10.72 -16.44
N ALA A 17 10.32 9.55 -15.84
CA ALA A 17 10.94 8.32 -16.35
C ALA A 17 10.22 7.82 -17.60
N GLY A 18 10.79 6.82 -18.26
CA GLY A 18 10.08 6.12 -19.32
C GLY A 18 8.85 5.39 -18.78
N PRO A 19 8.11 4.69 -19.66
CA PRO A 19 6.90 4.02 -19.15
C PRO A 19 7.20 2.94 -18.09
N HIS A 20 6.51 3.05 -16.95
CA HIS A 20 6.58 2.07 -15.88
C HIS A 20 5.18 1.84 -15.37
N ALA A 21 4.92 0.64 -14.86
CA ALA A 21 3.72 0.37 -14.07
C ALA A 21 4.21 0.24 -12.62
N LEU A 22 3.89 1.25 -11.82
CA LEU A 22 4.43 1.44 -10.48
C LEU A 22 5.97 1.50 -10.53
N THR A 23 6.68 0.47 -10.07
CA THR A 23 8.14 0.40 -10.16
C THR A 23 8.62 -0.52 -11.28
N LEU A 24 7.71 -1.20 -11.99
CA LEU A 24 8.08 -2.18 -13.01
C LEU A 24 8.26 -1.52 -14.38
N PRO A 25 9.43 -1.68 -15.01
CA PRO A 25 9.59 -1.10 -16.35
C PRO A 25 8.67 -1.81 -17.34
N VAL A 26 8.04 -1.03 -18.22
CA VAL A 26 7.19 -1.59 -19.27
C VAL A 26 8.03 -2.40 -20.25
N GLY A 27 7.45 -3.49 -20.73
CA GLY A 27 8.19 -4.50 -21.45
C GLY A 27 7.91 -5.85 -20.84
N GLY A 28 8.08 -6.88 -21.67
CA GLY A 28 7.74 -8.24 -21.29
C GLY A 28 6.28 -8.31 -20.88
N TRP A 29 6.03 -8.80 -19.67
CA TRP A 29 4.68 -9.06 -19.20
C TRP A 29 3.98 -7.86 -18.59
N VAL A 30 4.69 -6.74 -18.45
CA VAL A 30 4.17 -5.53 -17.81
C VAL A 30 3.62 -4.61 -18.89
N GLN A 31 2.31 -4.53 -18.95
CA GLN A 31 1.61 -3.73 -19.94
C GLN A 31 1.78 -2.22 -19.65
N PRO A 32 1.90 -1.40 -20.69
CA PRO A 32 1.94 0.05 -20.43
C PRO A 32 0.67 0.54 -19.74
N PRO A 33 0.82 1.41 -18.73
CA PRO A 33 -0.35 1.94 -18.07
C PRO A 33 -1.12 2.88 -19.00
N ALA A 34 -2.44 2.84 -18.89
CA ALA A 34 -3.30 3.72 -19.66
C ALA A 34 -3.10 5.18 -19.26
N ALA A 35 -2.68 5.40 -18.01
CA ALA A 35 -2.40 6.74 -17.50
C ALA A 35 -1.22 6.73 -16.52
N ALA A 36 -1.40 6.02 -15.39
CA ALA A 36 -0.51 6.09 -14.22
C ALA A 36 0.87 5.44 -14.41
N GLY A 37 1.87 6.27 -14.72
CA GLY A 37 3.23 5.80 -14.96
C GLY A 37 4.02 5.36 -13.73
N HIS A 38 5.28 5.75 -13.71
CA HIS A 38 6.22 5.38 -12.65
C HIS A 38 5.76 5.93 -11.30
N ALA A 39 5.96 5.13 -10.25
CA ALA A 39 5.59 5.49 -8.89
C ALA A 39 6.11 6.87 -8.46
N GLU A 40 7.38 7.12 -8.74
CA GLU A 40 8.00 8.45 -8.50
C GLU A 40 7.50 9.48 -9.55
N SER A 41 6.23 9.86 -9.45
CA SER A 41 5.60 10.75 -10.44
C SER A 41 5.67 12.20 -9.98
N PRO A 42 5.58 13.14 -10.94
CA PRO A 42 5.41 14.54 -10.60
C PRO A 42 4.23 14.81 -9.67
N GLU A 43 3.12 14.09 -9.85
CA GLU A 43 1.87 14.40 -9.15
C GLU A 43 1.92 14.38 -7.63
N THR A 44 2.71 13.49 -7.04
CA THR A 44 2.77 13.47 -5.58
C THR A 44 3.35 14.78 -5.06
N LYS A 45 4.46 15.20 -5.66
CA LYS A 45 5.13 16.43 -5.23
C LYS A 45 4.33 17.66 -5.67
N ARG A 46 3.77 17.65 -6.89
CA ARG A 46 2.93 18.77 -7.36
C ARG A 46 1.70 19.01 -6.47
N ARG A 47 1.04 17.93 -6.05
CA ARG A 47 -0.17 18.04 -5.25
C ARG A 47 0.10 18.61 -3.85
N LEU A 48 1.29 18.35 -3.30
CA LEU A 48 1.69 19.01 -2.07
C LEU A 48 1.77 20.51 -2.31
N LYS A 49 2.46 20.89 -3.37
CA LYS A 49 2.62 22.28 -3.70
C LYS A 49 1.27 22.95 -3.95
N SER A 50 0.38 22.28 -4.68
CA SER A 50 -0.98 22.80 -4.92
C SER A 50 -1.80 23.01 -3.65
N LEU A 51 -1.69 22.07 -2.70
CA LEU A 51 -2.40 22.20 -1.43
C LEU A 51 -1.78 23.29 -0.57
N LEU A 52 -0.45 23.43 -0.64
CA LEU A 52 0.22 24.53 0.06
C LEU A 52 -0.27 25.89 -0.44
N ASP A 53 -0.47 26.01 -1.74
CA ASP A 53 -1.03 27.22 -2.36
C ASP A 53 -2.52 27.48 -2.01
N VAL A 54 -3.38 26.47 -2.19
CA VAL A 54 -4.83 26.61 -1.90
C VAL A 54 -5.14 26.85 -0.41
N SER A 55 -4.33 26.25 0.47
CA SER A 55 -4.46 26.51 1.90
C SER A 55 -4.02 27.91 2.32
N GLY A 56 -3.29 28.63 1.47
CA GLY A 56 -2.74 29.93 1.84
C GLY A 56 -1.43 29.85 2.60
N LEU A 57 -0.96 28.63 2.93
CA LEU A 57 0.28 28.46 3.69
C LEU A 57 1.48 29.04 2.98
N THR A 58 1.53 28.86 1.66
CA THR A 58 2.59 29.42 0.82
C THR A 58 2.83 30.93 1.10
N ALA A 59 1.75 31.69 1.32
CA ALA A 59 1.85 33.11 1.69
C ALA A 59 2.50 33.39 3.07
N ARG A 60 2.59 32.38 3.93
CA ARG A 60 3.23 32.54 5.22
C ARG A 60 4.67 31.99 5.24
N LEU A 61 5.13 31.43 4.12
CA LEU A 61 6.48 30.90 3.98
C LEU A 61 7.35 31.86 3.19
N GLN A 62 8.65 31.65 3.29
CA GLN A 62 9.62 32.42 2.53
C GLN A 62 9.97 31.56 1.31
N LEU A 63 9.35 31.88 0.16
CA LEU A 63 9.53 31.06 -1.06
C LEU A 63 10.86 31.36 -1.69
N ARG A 64 11.62 30.31 -2.01
CA ARG A 64 12.92 30.47 -2.66
C ARG A 64 13.22 29.38 -3.68
N SER A 65 14.01 29.74 -4.68
CA SER A 65 14.62 28.77 -5.58
C SER A 65 16.13 28.86 -5.39
N ALA A 66 16.86 28.16 -6.26
CA ALA A 66 18.28 28.07 -6.14
C ALA A 66 18.89 27.79 -7.49
N PRO A 67 20.18 28.14 -7.64
CA PRO A 67 20.89 27.67 -8.83
C PRO A 67 21.07 26.13 -8.81
N PRO A 68 21.26 25.52 -9.99
CA PRO A 68 21.56 24.10 -9.96
C PRO A 68 22.88 23.86 -9.23
N ALA A 69 23.04 22.66 -8.66
CA ALA A 69 24.30 22.31 -8.01
C ALA A 69 25.42 22.41 -9.04
N SER A 70 26.53 23.02 -8.65
CA SER A 70 27.69 23.10 -9.53
C SER A 70 28.39 21.75 -9.58
N ASP A 71 29.21 21.57 -10.62
CA ASP A 71 30.08 20.41 -10.73
C ASP A 71 30.95 20.29 -9.48
N GLU A 72 31.53 21.41 -9.03
CA GLU A 72 32.28 21.43 -7.80
C GLU A 72 31.52 20.75 -6.65
N ASP A 73 30.27 21.15 -6.44
CA ASP A 73 29.45 20.58 -5.36
C ASP A 73 29.17 19.10 -5.57
N LEU A 74 28.80 18.74 -6.78
CA LEU A 74 28.49 17.33 -7.10
C LEU A 74 29.71 16.44 -6.94
N LEU A 75 30.86 16.93 -7.42
CA LEU A 75 32.14 16.24 -7.36
C LEU A 75 32.71 15.99 -5.96
N ARG A 76 32.19 16.68 -4.93
CA ARG A 76 32.55 16.32 -3.55
C ARG A 76 32.07 14.90 -3.22
N VAL A 77 30.96 14.46 -3.82
CA VAL A 77 30.54 13.06 -3.64
C VAL A 77 30.61 12.16 -4.89
N HIS A 78 30.29 12.66 -6.08
CA HIS A 78 30.23 11.82 -7.29
C HIS A 78 31.40 12.04 -8.24
N PRO A 79 31.92 10.97 -8.88
CA PRO A 79 32.99 11.13 -9.85
C PRO A 79 32.54 11.75 -11.14
N ALA A 80 33.49 12.36 -11.85
CA ALA A 80 33.20 13.02 -13.12
C ALA A 80 32.61 12.04 -14.13
N HIS A 81 33.10 10.80 -14.18
CA HIS A 81 32.57 9.81 -15.14
C HIS A 81 31.10 9.44 -14.86
N TYR A 82 30.68 9.51 -13.59
CA TYR A 82 29.26 9.33 -13.22
C TYR A 82 28.42 10.46 -13.80
N LEU A 83 28.87 11.70 -13.61
CA LEU A 83 28.19 12.86 -14.20
C LEU A 83 28.09 12.72 -15.71
N GLU A 84 29.20 12.38 -16.36
CA GLU A 84 29.24 12.13 -17.81
C GLU A 84 28.25 11.07 -18.25
N ARG A 85 28.30 9.92 -17.57
CA ARG A 85 27.44 8.77 -17.88
C ARG A 85 25.97 9.17 -17.80
N PHE A 86 25.62 9.84 -16.70
CA PHE A 86 24.27 10.32 -16.44
C PHE A 86 23.84 11.28 -17.56
N LYS A 87 24.67 12.28 -17.82
CA LYS A 87 24.34 13.26 -18.86
C LYS A 87 24.11 12.64 -20.24
N ALA A 88 24.98 11.69 -20.63
CA ALA A 88 24.86 11.04 -21.94
C ALA A 88 23.54 10.32 -22.09
N LEU A 89 23.17 9.53 -21.08
CA LEU A 89 21.89 8.83 -21.08
C LEU A 89 20.70 9.81 -21.11
N SER A 90 20.84 10.94 -20.42
CA SER A 90 19.80 11.97 -20.38
C SER A 90 19.60 12.66 -21.72
N ASP A 91 20.70 13.08 -22.34
CA ASP A 91 20.68 13.68 -23.70
C ASP A 91 20.15 12.74 -24.78
N ALA A 92 20.31 11.44 -24.56
CA ALA A 92 19.81 10.40 -25.47
C ALA A 92 18.33 10.05 -25.26
N GLY A 93 17.62 10.78 -24.40
CA GLY A 93 16.20 10.53 -24.16
C GLY A 93 15.89 9.67 -22.93
N GLY A 94 16.92 9.19 -22.22
CA GLY A 94 16.75 8.52 -20.94
C GLY A 94 16.94 7.01 -21.00
N GLY A 95 16.49 6.34 -19.94
CA GLY A 95 16.73 4.91 -19.77
C GLY A 95 17.10 4.57 -18.34
N SER A 96 17.86 3.50 -18.17
CA SER A 96 18.15 2.92 -16.87
C SER A 96 19.55 3.29 -16.42
N LEU A 97 19.63 4.21 -15.46
CA LEU A 97 20.91 4.68 -14.94
C LEU A 97 21.45 3.71 -13.90
N GLY A 98 20.56 2.90 -13.31
CA GLY A 98 20.97 1.88 -12.35
C GLY A 98 19.83 0.96 -11.97
N GLN A 99 19.99 0.32 -10.81
CA GLN A 99 18.99 -0.62 -10.31
C GLN A 99 17.81 0.18 -9.75
N ASP A 100 16.65 0.02 -10.37
CA ASP A 100 15.45 0.79 -10.03
C ASP A 100 15.73 2.30 -10.10
N ALA A 101 16.42 2.73 -11.16
CA ALA A 101 16.83 4.14 -11.31
C ALA A 101 16.65 4.63 -12.75
N PRO A 102 15.38 4.69 -13.21
CA PRO A 102 15.13 5.12 -14.58
C PRO A 102 15.12 6.63 -14.70
N ILE A 103 15.65 7.14 -15.80
CA ILE A 103 15.68 8.57 -16.07
C ILE A 103 15.04 8.86 -17.41
N GLY A 104 14.67 10.13 -17.59
CA GLY A 104 14.01 10.59 -18.80
C GLY A 104 14.79 11.70 -19.46
N PRO A 105 14.26 12.24 -20.56
CA PRO A 105 14.96 13.31 -21.29
C PRO A 105 15.13 14.56 -20.41
N GLY A 106 16.35 15.08 -20.32
CA GLY A 106 16.66 16.22 -19.45
C GLY A 106 16.75 15.94 -17.96
N SER A 107 16.63 14.68 -17.53
CA SER A 107 16.69 14.32 -16.10
C SER A 107 17.98 14.73 -15.41
N TYR A 108 19.06 14.84 -16.18
CA TYR A 108 20.37 15.25 -15.66
C TYR A 108 20.32 16.65 -15.08
N GLU A 109 19.89 17.62 -15.90
CA GLU A 109 19.81 19.01 -15.47
C GLU A 109 18.81 19.20 -14.32
N ILE A 110 17.72 18.46 -14.36
CA ILE A 110 16.69 18.54 -13.32
C ILE A 110 17.21 17.96 -11.99
N ALA A 111 17.96 16.85 -12.05
CA ALA A 111 18.59 16.27 -10.85
C ALA A 111 19.60 17.26 -10.23
N ARG A 112 20.31 18.01 -11.08
CA ARG A 112 21.22 19.03 -10.59
C ARG A 112 20.50 20.15 -9.86
N LEU A 113 19.32 20.49 -10.36
CA LEU A 113 18.48 21.50 -9.70
C LEU A 113 17.95 21.01 -8.34
N SER A 114 17.54 19.75 -8.29
CA SER A 114 17.09 19.11 -7.06
C SER A 114 18.18 19.17 -5.99
N ALA A 115 19.39 18.78 -6.38
CA ALA A 115 20.54 18.86 -5.50
C ALA A 115 20.82 20.30 -5.05
N GLY A 116 20.75 21.23 -6.00
CA GLY A 116 20.93 22.67 -5.72
C GLY A 116 19.99 23.24 -4.66
N LEU A 117 18.74 22.78 -4.67
CA LEU A 117 17.75 23.23 -3.69
C LEU A 117 18.11 22.74 -2.28
N ALA A 118 18.58 21.50 -2.19
CA ALA A 118 19.08 20.95 -0.93
C ALA A 118 20.29 21.74 -0.42
N ILE A 119 21.23 22.05 -1.30
CA ILE A 119 22.42 22.85 -0.95
C ILE A 119 21.98 24.21 -0.41
N ALA A 120 21.06 24.85 -1.11
CA ALA A 120 20.60 26.19 -0.74
C ALA A 120 19.83 26.20 0.57
N ALA A 121 19.04 25.16 0.81
CA ALA A 121 18.24 25.11 2.04
C ALA A 121 19.13 25.04 3.28
N LEU A 122 20.15 24.18 3.27
CA LEU A 122 21.13 24.11 4.38
C LEU A 122 21.85 25.42 4.54
N ASP A 123 22.27 26.00 3.42
CA ASP A 123 22.99 27.28 3.40
C ASP A 123 22.18 28.39 4.08
N ALA A 124 20.93 28.54 3.66
CA ALA A 124 20.03 29.59 4.20
C ALA A 124 19.84 29.45 5.71
N VAL A 125 19.69 28.22 6.19
CA VAL A 125 19.48 27.99 7.61
C VAL A 125 20.79 28.24 8.39
N LEU A 126 21.92 27.77 7.88
CA LEU A 126 23.23 28.04 8.48
C LEU A 126 23.62 29.53 8.46
N ALA A 127 23.18 30.26 7.44
CA ALA A 127 23.49 31.69 7.31
C ALA A 127 22.54 32.60 8.09
N GLY A 128 21.54 32.03 8.74
CA GLY A 128 20.58 32.80 9.54
C GLY A 128 19.48 33.48 8.72
N GLU A 129 19.35 33.13 7.45
CA GLU A 129 18.32 33.71 6.57
C GLU A 129 16.92 33.18 6.91
N ALA A 130 16.85 32.00 7.52
CA ALA A 130 15.61 31.44 8.01
C ALA A 130 15.89 30.59 9.25
N ASP A 131 14.87 30.35 10.05
CA ASP A 131 15.01 29.51 11.24
C ASP A 131 15.06 28.04 10.82
N ASN A 132 14.30 27.68 9.80
CA ASN A 132 14.28 26.32 9.31
C ASN A 132 13.82 26.33 7.88
N ALA A 133 13.86 25.18 7.23
CA ALA A 133 13.60 25.12 5.81
C ALA A 133 13.06 23.77 5.37
N TYR A 134 12.31 23.81 4.28
CA TYR A 134 11.80 22.62 3.61
C TYR A 134 12.21 22.72 2.14
N SER A 135 12.82 21.67 1.61
CA SER A 135 13.25 21.62 0.22
C SER A 135 12.45 20.54 -0.49
N LEU A 136 11.71 20.92 -1.53
CA LEU A 136 10.97 19.95 -2.34
C LEU A 136 11.90 19.45 -3.45
N SER A 137 12.87 18.64 -3.03
CA SER A 137 13.96 18.17 -3.90
C SER A 137 13.57 16.86 -4.62
N ARG A 138 13.00 17.01 -5.82
CA ARG A 138 12.72 15.90 -6.72
C ARG A 138 13.60 16.00 -7.98
N PRO A 139 14.27 14.93 -8.43
CA PRO A 139 14.27 13.59 -7.82
C PRO A 139 14.97 13.49 -6.47
N PRO A 140 14.65 12.43 -5.72
CA PRO A 140 15.15 12.29 -4.35
C PRO A 140 16.61 11.84 -4.29
N GLY A 141 17.17 11.76 -3.09
CA GLY A 141 18.60 11.52 -2.89
C GLY A 141 19.10 10.39 -2.01
N ALA A 142 18.28 9.89 -1.09
CA ALA A 142 18.82 9.12 0.04
C ALA A 142 19.32 7.70 -0.30
N HIS A 143 18.94 7.15 -1.45
CA HIS A 143 19.48 5.84 -1.86
C HIS A 143 20.71 5.90 -2.76
N CYS A 144 21.04 7.07 -3.29
CA CYS A 144 22.10 7.20 -4.28
C CYS A 144 23.48 7.03 -3.64
N LEU A 145 24.29 6.13 -4.18
CA LEU A 145 25.68 5.99 -3.77
C LEU A 145 26.58 6.86 -4.67
N PRO A 146 27.81 7.14 -4.22
CA PRO A 146 28.71 7.97 -5.03
C PRO A 146 28.81 7.63 -6.52
N ASP A 147 28.84 6.35 -6.89
CA ASP A 147 28.88 5.98 -8.31
C ASP A 147 27.80 4.97 -8.71
N GLN A 148 26.68 4.96 -7.98
CA GLN A 148 25.57 4.06 -8.27
C GLN A 148 24.25 4.77 -7.95
N ALA A 149 23.48 5.06 -9.00
CA ALA A 149 22.10 5.50 -8.85
C ALA A 149 21.30 4.29 -8.38
N MET A 150 20.34 4.52 -7.49
CA MET A 150 19.37 3.49 -7.10
C MET A 150 18.19 4.08 -6.34
N GLY A 151 17.10 3.32 -6.24
CA GLY A 151 15.89 3.74 -5.51
C GLY A 151 15.29 5.05 -5.99
N PHE A 152 15.31 5.27 -7.29
CA PHE A 152 14.84 6.52 -7.95
C PHE A 152 15.70 7.77 -7.66
N CYS A 153 16.89 7.57 -7.08
CA CYS A 153 17.81 8.66 -6.71
C CYS A 153 19.04 8.61 -7.60
N PHE A 154 19.43 9.80 -8.09
CA PHE A 154 20.50 9.96 -9.08
C PHE A 154 21.67 10.82 -8.59
N PHE A 155 21.43 11.74 -7.64
CA PHE A 155 22.50 12.32 -6.82
C PHE A 155 22.14 12.18 -5.33
N ALA A 156 23.16 12.12 -4.49
CA ALA A 156 23.02 12.02 -3.04
C ALA A 156 22.81 13.41 -2.46
N ASN A 157 21.60 13.91 -2.68
CA ASN A 157 21.26 15.32 -2.40
C ASN A 157 21.73 15.82 -1.05
N ILE A 158 21.39 15.09 0.01
CA ILE A 158 21.72 15.51 1.36
C ILE A 158 23.22 15.47 1.59
N ALA A 159 23.88 14.39 1.17
CA ALA A 159 25.34 14.33 1.31
C ALA A 159 26.01 15.47 0.57
N VAL A 160 25.56 15.73 -0.67
CA VAL A 160 26.07 16.86 -1.43
C VAL A 160 25.82 18.18 -0.69
N ALA A 161 24.60 18.33 -0.14
CA ALA A 161 24.28 19.55 0.64
C ALA A 161 25.19 19.70 1.86
N ILE A 162 25.39 18.61 2.59
CA ILE A 162 26.24 18.62 3.80
C ILE A 162 27.70 18.95 3.46
N GLU A 163 28.25 18.26 2.46
CA GLU A 163 29.65 18.52 2.07
C GLU A 163 29.84 19.96 1.61
N ALA A 164 28.86 20.52 0.89
CA ALA A 164 28.87 21.93 0.50
C ALA A 164 28.81 22.87 1.71
N ALA A 165 27.94 22.54 2.67
CA ALA A 165 27.80 23.31 3.92
C ALA A 165 29.08 23.31 4.75
N LYS A 166 29.72 22.16 4.82
CA LYS A 166 30.98 22.04 5.55
C LYS A 166 32.07 22.86 4.91
N ALA A 167 32.15 22.86 3.58
CA ALA A 167 33.14 23.66 2.88
C ALA A 167 32.94 25.16 3.09
N ARG A 168 31.70 25.62 2.97
CA ARG A 168 31.41 27.05 3.04
C ARG A 168 31.32 27.57 4.49
N HIS A 169 30.68 26.83 5.38
CA HIS A 169 30.37 27.33 6.73
C HIS A 169 31.20 26.75 7.86
N GLY A 170 31.71 25.53 7.72
CA GLY A 170 32.49 24.90 8.79
C GLY A 170 31.70 24.39 9.98
N VAL A 171 30.48 23.90 9.71
CA VAL A 171 29.67 23.18 10.70
C VAL A 171 30.35 21.84 11.02
N GLU A 172 30.40 21.46 12.30
CA GLU A 172 31.18 20.30 12.75
C GLU A 172 30.38 19.03 13.04
N ARG A 173 29.13 19.18 13.50
CA ARG A 173 28.26 18.05 13.84
C ARG A 173 26.89 18.23 13.17
N VAL A 174 26.56 17.33 12.25
CA VAL A 174 25.26 17.32 11.58
C VAL A 174 24.60 15.98 11.86
N ALA A 175 23.33 16.03 12.23
CA ALA A 175 22.50 14.85 12.37
C ALA A 175 21.54 14.73 11.19
N VAL A 176 21.51 13.54 10.58
CA VAL A 176 20.57 13.24 9.52
C VAL A 176 19.57 12.20 10.01
N LEU A 177 18.32 12.62 10.18
CA LEU A 177 17.23 11.73 10.56
C LEU A 177 16.44 11.38 9.32
N ASP A 178 16.41 10.11 8.98
CA ASP A 178 15.71 9.68 7.78
C ASP A 178 14.48 8.86 8.17
N TRP A 179 13.31 9.50 8.11
CA TRP A 179 12.01 8.84 8.38
C TRP A 179 11.23 8.47 7.11
N ASP A 180 11.82 8.65 5.95
CA ASP A 180 11.39 7.91 4.76
C ASP A 180 11.32 6.44 5.18
N VAL A 181 10.30 5.72 4.72
CA VAL A 181 10.04 4.35 5.18
C VAL A 181 11.12 3.34 4.76
N HIS A 182 11.96 3.73 3.80
CA HIS A 182 13.01 2.89 3.27
C HIS A 182 14.34 3.25 3.92
N HIS A 183 15.27 2.31 3.86
CA HIS A 183 16.59 2.52 4.48
C HIS A 183 17.37 3.59 3.72
N GLY A 184 17.92 4.58 4.44
CA GLY A 184 18.74 5.63 3.83
C GLY A 184 20.15 5.09 3.63
N ASN A 185 20.29 4.19 2.65
CA ASN A 185 21.54 3.44 2.45
C ASN A 185 22.69 4.31 1.93
N GLY A 186 22.36 5.37 1.20
CA GLY A 186 23.37 6.25 0.61
C GLY A 186 24.02 7.12 1.66
N THR A 187 23.18 7.78 2.46
CA THR A 187 23.66 8.54 3.59
C THR A 187 24.45 7.65 4.55
N GLN A 188 23.93 6.46 4.84
CA GLN A 188 24.63 5.52 5.70
C GLN A 188 26.02 5.17 5.20
N ALA A 189 26.11 4.83 3.92
CA ALA A 189 27.36 4.42 3.32
C ALA A 189 28.39 5.55 3.33
N ILE A 190 27.97 6.74 2.90
CA ILE A 190 28.87 7.89 2.77
C ILE A 190 29.48 8.33 4.11
N TYR A 191 28.70 8.27 5.17
CA TYR A 191 29.15 8.72 6.47
C TYR A 191 29.45 7.56 7.45
N TYR A 192 29.57 6.33 6.94
CA TYR A 192 29.67 5.12 7.80
C TYR A 192 30.87 5.16 8.75
N ARG A 193 31.99 5.73 8.31
CA ARG A 193 33.20 5.80 9.10
C ARG A 193 33.42 7.18 9.69
N ARG A 194 32.37 7.99 9.72
CA ARG A 194 32.43 9.35 10.20
C ARG A 194 31.60 9.61 11.45
N ASP A 195 32.21 10.42 12.33
CA ASP A 195 31.62 10.91 13.59
C ASP A 195 31.15 12.36 13.52
N ASP A 196 31.40 13.07 12.41
CA ASP A 196 30.89 14.44 12.27
C ASP A 196 29.44 14.48 11.74
N VAL A 197 28.96 13.32 11.26
CA VAL A 197 27.59 13.17 10.79
C VAL A 197 26.99 11.91 11.44
N LEU A 198 25.98 12.14 12.26
CA LEU A 198 25.17 11.08 12.82
C LEU A 198 24.04 10.77 11.84
N SER A 199 24.01 9.55 11.31
CA SER A 199 22.93 9.12 10.41
C SER A 199 22.00 8.18 11.19
N ILE A 200 20.71 8.49 11.20
CA ILE A 200 19.69 7.64 11.83
C ILE A 200 18.65 7.32 10.79
N SER A 201 18.37 6.04 10.58
CA SER A 201 17.29 5.64 9.70
C SER A 201 16.19 4.92 10.46
N LEU A 202 14.98 5.47 10.41
CA LEU A 202 13.79 4.70 10.73
C LEU A 202 13.31 4.09 9.43
N HIS A 203 13.08 2.79 9.41
CA HIS A 203 12.55 2.14 8.23
C HIS A 203 11.83 0.87 8.51
N GLN A 204 10.98 0.50 7.57
CA GLN A 204 10.32 -0.78 7.59
C GLN A 204 11.39 -1.85 7.40
N ASP A 205 11.48 -2.75 8.36
CA ASP A 205 12.40 -3.90 8.33
C ASP A 205 12.30 -4.64 6.98
N GLY A 206 13.38 -4.66 6.22
CA GLY A 206 13.46 -5.41 4.98
C GLY A 206 12.77 -4.84 3.75
N CYS A 207 12.27 -3.60 3.81
CA CYS A 207 11.50 -3.06 2.69
C CYS A 207 12.34 -2.71 1.46
N PHE A 208 13.21 -1.71 1.61
CA PHE A 208 14.14 -1.32 0.55
C PHE A 208 15.38 -0.67 1.17
N PRO A 209 16.59 -1.18 0.91
CA PRO A 209 16.81 -2.34 0.04
C PRO A 209 16.21 -3.62 0.62
N PRO A 210 15.72 -4.50 -0.26
CA PRO A 210 14.87 -5.59 0.20
C PRO A 210 15.65 -6.58 1.04
N GLY A 211 15.08 -6.98 2.17
CA GLY A 211 15.78 -7.86 3.11
C GLY A 211 16.78 -7.20 4.05
N TYR A 212 16.97 -5.88 3.96
CA TYR A 212 17.94 -5.20 4.84
C TYR A 212 17.27 -4.72 6.14
N SER A 213 17.82 -5.13 7.28
CA SER A 213 17.34 -4.69 8.60
C SER A 213 18.31 -3.68 9.18
N GLY A 214 19.52 -4.15 9.53
CA GLY A 214 20.66 -3.28 9.80
C GLY A 214 20.89 -2.78 11.20
N ALA A 215 20.15 -3.30 12.19
CA ALA A 215 20.29 -2.82 13.57
C ALA A 215 21.73 -2.89 14.09
N GLU A 216 22.43 -3.94 13.66
CA GLU A 216 23.81 -4.18 14.05
C GLU A 216 24.85 -3.29 13.34
N ASP A 217 24.44 -2.59 12.27
CA ASP A 217 25.37 -1.78 11.50
C ASP A 217 25.41 -0.41 12.14
N ILE A 218 26.33 -0.21 13.07
CA ILE A 218 26.40 1.04 13.85
C ILE A 218 27.52 2.01 13.46
N GLY A 219 28.15 1.75 12.33
CA GLY A 219 29.29 2.50 11.87
C GLY A 219 30.54 1.73 12.20
N GLU A 220 31.67 2.19 11.66
CA GLU A 220 32.95 1.56 11.89
C GLU A 220 34.07 2.54 12.12
N ASP A 221 35.08 2.04 12.84
CA ASP A 221 36.23 2.79 13.31
C ASP A 221 35.84 4.17 13.86
N ARG A 222 36.29 5.26 13.26
CA ARG A 222 35.94 6.59 13.72
C ARG A 222 34.42 6.82 13.76
N GLY A 223 33.70 6.19 12.83
CA GLY A 223 32.25 6.27 12.80
C GLY A 223 31.48 5.30 13.70
N ARG A 224 32.18 4.49 14.48
CA ARG A 224 31.47 3.49 15.27
C ARG A 224 30.57 4.15 16.33
N GLY A 225 29.29 3.77 16.30
CA GLY A 225 28.27 4.39 17.13
C GLY A 225 27.66 5.69 16.59
N PHE A 226 27.98 6.06 15.35
CA PHE A 226 27.39 7.25 14.71
C PHE A 226 26.50 6.92 13.47
N ASN A 227 26.00 5.68 13.44
CA ASN A 227 24.94 5.22 12.53
C ASN A 227 23.92 4.39 13.32
N LEU A 228 22.64 4.72 13.23
CA LEU A 228 21.60 3.96 13.93
C LEU A 228 20.48 3.58 12.97
N ASN A 229 20.25 2.28 12.84
CA ASN A 229 19.10 1.75 12.11
C ASN A 229 18.07 1.22 13.07
N VAL A 230 16.84 1.66 12.89
CA VAL A 230 15.68 1.19 13.64
C VAL A 230 14.75 0.47 12.66
N PRO A 231 14.94 -0.85 12.48
CA PRO A 231 14.06 -1.61 11.57
C PRO A 231 12.73 -1.95 12.22
N LEU A 232 11.70 -1.17 11.91
CA LEU A 232 10.37 -1.37 12.47
C LEU A 232 9.65 -2.52 11.75
N LEU A 233 8.83 -3.24 12.49
CA LEU A 233 8.07 -4.34 11.89
C LEU A 233 7.09 -3.75 10.89
N PRO A 234 6.97 -4.36 9.70
CA PRO A 234 5.86 -3.99 8.80
C PRO A 234 4.49 -4.04 9.50
N GLY A 235 3.60 -3.10 9.14
CA GLY A 235 2.30 -2.97 9.74
C GLY A 235 2.23 -1.99 10.90
N GLY A 236 3.36 -1.57 11.44
CA GLY A 236 3.34 -0.58 12.52
C GLY A 236 2.91 0.80 12.07
N GLY A 237 2.45 1.59 13.03
CA GLY A 237 2.02 2.94 12.72
C GLY A 237 2.50 3.94 13.73
N HIS A 238 1.57 4.79 14.16
CA HIS A 238 1.86 5.93 15.00
C HIS A 238 2.61 5.59 16.27
N ASP A 239 2.11 4.64 17.06
CA ASP A 239 2.79 4.27 18.30
C ASP A 239 4.21 3.72 18.07
N ALA A 240 4.40 2.91 17.03
CA ALA A 240 5.73 2.36 16.73
C ALA A 240 6.75 3.45 16.48
N TYR A 241 6.34 4.46 15.71
CA TYR A 241 7.20 5.60 15.41
C TYR A 241 7.38 6.53 16.61
N MET A 242 6.31 6.75 17.38
CA MET A 242 6.45 7.56 18.59
C MET A 242 7.43 6.90 19.58
N GLN A 243 7.31 5.59 19.76
CA GLN A 243 8.24 4.82 20.62
C GLN A 243 9.69 4.88 20.11
N ALA A 244 9.89 4.71 18.79
CA ALA A 244 11.22 4.85 18.19
C ALA A 244 11.81 6.24 18.39
N MET A 245 10.99 7.27 18.26
CA MET A 245 11.45 8.65 18.49
C MET A 245 11.83 8.91 19.94
N GLN A 246 10.95 8.51 20.87
CA GLN A 246 11.19 8.75 22.29
C GLN A 246 12.36 7.92 22.85
N ARG A 247 12.47 6.65 22.45
CA ARG A 247 13.45 5.71 23.02
C ARG A 247 14.83 5.76 22.34
N ILE A 248 14.88 6.08 21.06
CA ILE A 248 16.13 5.96 20.29
C ILE A 248 16.57 7.27 19.68
N VAL A 249 15.73 7.87 18.86
CA VAL A 249 16.14 9.06 18.09
C VAL A 249 16.48 10.24 18.99
N LEU A 250 15.57 10.59 19.91
CA LEU A 250 15.81 11.77 20.76
C LEU A 250 17.00 11.57 21.71
N PRO A 251 17.07 10.43 22.41
CA PRO A 251 18.30 10.14 23.18
C PRO A 251 19.58 10.15 22.33
N ALA A 252 19.51 9.68 21.09
CA ALA A 252 20.70 9.66 20.23
C ALA A 252 21.15 11.08 19.88
N LEU A 253 20.18 11.92 19.53
CA LEU A 253 20.43 13.34 19.26
C LEU A 253 20.95 14.10 20.48
N GLU A 254 20.38 13.79 21.64
CA GLU A 254 20.85 14.36 22.92
C GLU A 254 22.33 14.07 23.17
N ARG A 255 22.72 12.82 22.97
CA ARG A 255 24.11 12.37 23.11
C ARG A 255 25.10 13.03 22.09
N PHE A 256 24.62 13.27 20.88
CA PHE A 256 25.45 13.76 19.77
C PHE A 256 25.58 15.28 19.76
N ARG A 257 24.56 15.98 20.27
CA ARG A 257 24.55 17.46 20.29
C ARG A 257 24.76 18.04 18.89
N PRO A 258 23.83 17.76 17.95
CA PRO A 258 24.02 18.30 16.60
C PRO A 258 23.93 19.83 16.55
N GLN A 259 24.72 20.42 15.65
CA GLN A 259 24.68 21.83 15.34
C GLN A 259 23.73 22.15 14.19
N LEU A 260 23.29 21.11 13.50
CA LEU A 260 22.30 21.22 12.43
C LEU A 260 21.66 19.85 12.33
N ILE A 261 20.35 19.84 12.16
CA ILE A 261 19.62 18.61 11.92
C ILE A 261 19.03 18.67 10.51
N VAL A 262 19.29 17.65 9.71
CA VAL A 262 18.67 17.51 8.39
C VAL A 262 17.77 16.31 8.47
N VAL A 263 16.52 16.46 8.02
CA VAL A 263 15.58 15.34 7.94
C VAL A 263 15.42 14.91 6.48
N ALA A 264 15.71 13.63 6.20
CA ALA A 264 15.30 13.02 4.94
C ALA A 264 13.84 12.60 5.08
N SER A 265 12.95 13.48 4.64
CA SER A 265 11.54 13.31 4.90
C SER A 265 10.82 12.70 3.73
N GLY A 266 10.72 11.38 3.76
CA GLY A 266 9.81 10.65 2.90
C GLY A 266 8.50 10.54 3.62
N PHE A 267 7.41 10.50 2.87
CA PHE A 267 6.09 10.32 3.42
C PHE A 267 5.53 8.95 3.13
N ASP A 268 6.41 8.05 2.68
CA ASP A 268 6.02 6.71 2.25
C ASP A 268 5.70 5.73 3.38
N ALA A 269 5.85 6.14 4.64
CA ALA A 269 5.27 5.40 5.78
C ALA A 269 3.78 5.68 5.98
N ASN A 270 3.19 6.56 5.16
CA ASN A 270 1.77 6.82 5.26
C ASN A 270 0.95 5.56 5.02
N ALA A 271 -0.21 5.54 5.66
CA ALA A 271 -1.07 4.35 5.71
C ALA A 271 -1.62 3.86 4.38
N VAL A 272 -1.57 4.67 3.31
CA VAL A 272 -2.03 4.21 1.99
C VAL A 272 -0.94 4.25 0.92
N ASP A 273 0.33 4.20 1.33
CA ASP A 273 1.40 4.19 0.34
C ASP A 273 1.53 2.81 -0.30
N PRO A 274 1.68 2.75 -1.64
CA PRO A 274 1.90 1.44 -2.28
C PRO A 274 3.29 0.82 -2.03
N LEU A 275 4.29 1.63 -1.68
CA LEU A 275 5.67 1.15 -1.61
C LEU A 275 6.20 0.78 -0.20
N ALA A 276 5.31 0.76 0.80
CA ALA A 276 5.62 0.20 2.12
C ALA A 276 4.32 -0.16 2.79
N ARG A 277 4.44 -0.76 3.98
CA ARG A 277 3.34 -1.40 4.70
C ARG A 277 3.10 -0.77 6.08
N MET A 278 3.49 0.49 6.25
CA MET A 278 3.35 1.19 7.55
C MET A 278 2.05 2.01 7.59
N GLN A 279 1.66 2.49 8.77
CA GLN A 279 0.32 3.05 8.98
C GLN A 279 0.32 4.45 9.60
N LEU A 280 1.20 5.31 9.12
CA LEU A 280 1.20 6.69 9.61
C LEU A 280 0.10 7.56 9.01
N HIS A 281 -0.34 8.54 9.80
CA HIS A 281 -1.24 9.61 9.35
C HIS A 281 -0.52 10.94 9.45
N SER A 282 -1.16 12.01 8.98
CA SER A 282 -0.54 13.34 8.95
C SER A 282 -0.09 13.83 10.33
N ASP A 283 -0.86 13.51 11.37
CA ASP A 283 -0.45 13.90 12.73
C ASP A 283 0.78 13.14 13.25
N SER A 284 1.10 11.95 12.73
CA SER A 284 2.36 11.29 13.03
C SER A 284 3.54 12.11 12.51
N PHE A 285 3.47 12.52 11.23
CA PHE A 285 4.52 13.38 10.64
C PHE A 285 4.59 14.76 11.36
N ARG A 286 3.43 15.33 11.70
CA ARG A 286 3.38 16.53 12.56
C ARG A 286 4.15 16.30 13.87
N ALA A 287 3.84 15.19 14.55
CA ALA A 287 4.49 14.88 15.84
C ALA A 287 5.99 14.66 15.71
N MET A 288 6.42 13.91 14.68
CA MET A 288 7.87 13.69 14.47
C MET A 288 8.62 14.99 14.19
N THR A 289 7.96 15.88 13.46
CA THR A 289 8.55 17.19 13.15
C THR A 289 8.65 18.05 14.41
N ALA A 290 7.62 18.04 15.25
CA ALA A 290 7.67 18.75 16.54
C ALA A 290 8.82 18.24 17.40
N MET A 291 8.95 16.91 17.47
CA MET A 291 10.03 16.31 18.27
C MET A 291 11.43 16.68 17.78
N VAL A 292 11.64 16.65 16.48
CA VAL A 292 12.93 17.02 15.91
C VAL A 292 13.19 18.54 15.95
N ARG A 293 12.15 19.36 15.75
CA ARG A 293 12.28 20.83 15.87
C ARG A 293 12.70 21.21 17.30
N ASP A 294 12.14 20.51 18.27
CA ASP A 294 12.54 20.67 19.66
C ASP A 294 14.02 20.29 19.92
N ALA A 295 14.45 19.13 19.43
CA ALA A 295 15.87 18.74 19.49
C ALA A 295 16.79 19.78 18.85
N ALA A 296 16.36 20.31 17.70
CA ALA A 296 17.12 21.33 16.97
C ALA A 296 17.17 22.64 17.75
N GLU A 297 16.06 23.02 18.39
CA GLU A 297 16.06 24.21 19.24
C GLU A 297 16.99 24.07 20.46
N ARG A 298 17.06 22.86 21.02
CA ARG A 298 17.91 22.58 22.19
C ARG A 298 19.43 22.54 21.92
N HIS A 299 19.86 22.01 20.78
CA HIS A 299 21.28 21.84 20.44
C HIS A 299 21.77 22.62 19.23
N ALA A 300 20.88 22.93 18.28
CA ALA A 300 21.30 23.42 16.98
C ALA A 300 20.87 24.87 16.72
N GLY A 301 20.38 25.56 17.75
CA GLY A 301 19.92 26.94 17.58
C GLY A 301 18.70 27.04 16.67
N GLY A 302 17.90 25.98 16.61
CA GLY A 302 16.71 25.89 15.79
C GLY A 302 16.95 25.40 14.38
N ARG A 303 18.22 25.11 14.05
CA ARG A 303 18.65 24.89 12.67
C ARG A 303 18.25 23.48 12.24
N LEU A 304 17.15 23.45 11.51
CA LEU A 304 16.53 22.24 11.01
C LEU A 304 16.17 22.46 9.54
N VAL A 305 16.54 21.50 8.68
CA VAL A 305 16.14 21.50 7.28
C VAL A 305 15.49 20.18 6.95
N VAL A 306 14.32 20.24 6.33
CA VAL A 306 13.60 19.03 5.92
C VAL A 306 13.69 18.91 4.41
N VAL A 307 14.27 17.80 3.94
CA VAL A 307 14.42 17.50 2.51
C VAL A 307 13.41 16.42 2.13
N HIS A 308 12.53 16.73 1.18
CA HIS A 308 11.48 15.81 0.72
C HIS A 308 12.15 14.65 -0.04
N GLU A 309 11.76 13.41 0.30
CA GLU A 309 12.37 12.22 -0.30
C GLU A 309 11.26 11.43 -0.99
N GLY A 310 10.80 10.33 -0.40
CA GLY A 310 9.74 9.50 -0.97
C GLY A 310 8.33 9.95 -0.59
N GLY A 311 7.36 9.10 -0.91
CA GLY A 311 5.93 9.37 -0.78
C GLY A 311 5.29 9.13 -2.13
N TYR A 312 4.50 8.07 -2.22
CA TYR A 312 3.95 7.65 -3.50
C TYR A 312 2.42 7.57 -3.55
N SER A 313 1.75 8.04 -2.50
CA SER A 313 0.29 8.21 -2.52
C SER A 313 -0.05 9.62 -2.99
N GLU A 314 -0.55 9.75 -4.22
CA GLU A 314 -1.00 11.06 -4.72
C GLU A 314 -2.02 11.73 -3.84
N ALA A 315 -2.96 10.92 -3.34
CA ALA A 315 -4.05 11.40 -2.53
C ALA A 315 -3.58 11.86 -1.15
N TYR A 316 -2.65 11.14 -0.53
CA TYR A 316 -2.37 11.36 0.90
C TYR A 316 -1.08 12.08 1.28
N VAL A 317 -0.05 11.98 0.43
CA VAL A 317 1.19 12.71 0.70
C VAL A 317 0.94 14.23 0.90
N PRO A 318 0.02 14.83 0.11
CA PRO A 318 -0.20 16.28 0.33
C PRO A 318 -0.55 16.66 1.76
N PHE A 319 -1.40 15.88 2.42
CA PHE A 319 -1.80 16.16 3.81
C PHE A 319 -0.62 15.97 4.80
N CYS A 320 0.17 14.93 4.58
CA CYS A 320 1.34 14.66 5.45
C CYS A 320 2.45 15.72 5.33
N GLY A 321 2.73 16.12 4.10
CA GLY A 321 3.72 17.18 3.84
C GLY A 321 3.27 18.52 4.39
N LEU A 322 1.98 18.80 4.28
CA LEU A 322 1.44 20.03 4.83
C LEU A 322 1.56 20.09 6.36
N ALA A 323 1.32 18.97 7.04
CA ALA A 323 1.47 18.89 8.48
C ALA A 323 2.89 19.22 8.92
N VAL A 324 3.87 18.67 8.21
CA VAL A 324 5.27 18.99 8.47
C VAL A 324 5.54 20.48 8.36
N ILE A 325 5.05 21.09 7.29
CA ILE A 325 5.34 22.50 7.01
C ILE A 325 4.60 23.43 7.99
N GLU A 326 3.38 23.05 8.38
CA GLU A 326 2.66 23.74 9.44
C GLU A 326 3.46 23.73 10.73
N GLU A 327 4.03 22.58 11.08
CA GLU A 327 4.84 22.44 12.29
C GLU A 327 6.14 23.23 12.23
N LEU A 328 6.85 23.18 11.11
CA LEU A 328 8.04 23.99 10.90
C LEU A 328 7.76 25.49 11.03
N SER A 329 6.69 25.95 10.39
CA SER A 329 6.35 27.36 10.38
C SER A 329 5.66 27.81 11.67
N GLY A 330 5.03 26.89 12.39
CA GLY A 330 4.17 27.26 13.52
C GLY A 330 2.85 27.89 13.10
N VAL A 331 2.45 27.71 11.84
CA VAL A 331 1.19 28.23 11.29
C VAL A 331 0.24 27.05 11.10
N ARG A 332 -0.99 27.16 11.58
CA ARG A 332 -2.01 26.14 11.34
C ARG A 332 -3.01 26.66 10.32
N SER A 333 -3.02 26.04 9.14
CA SER A 333 -3.97 26.35 8.07
C SER A 333 -5.36 25.78 8.40
N ALA A 334 -6.34 26.06 7.54
CA ALA A 334 -7.69 25.53 7.72
C ALA A 334 -7.83 24.06 7.28
N VAL A 335 -6.77 23.51 6.70
CA VAL A 335 -6.79 22.17 6.13
C VAL A 335 -7.06 21.14 7.21
N ARG A 336 -7.97 20.24 6.92
CA ARG A 336 -8.26 19.12 7.80
C ARG A 336 -8.01 17.84 7.01
N ASP A 337 -7.19 16.96 7.58
CA ASP A 337 -6.87 15.66 7.00
C ASP A 337 -8.10 14.75 6.99
N PRO A 338 -8.66 14.46 5.80
CA PRO A 338 -9.89 13.66 5.78
C PRO A 338 -9.71 12.15 6.06
N LEU A 339 -8.48 11.65 6.11
CA LEU A 339 -8.22 10.23 6.40
C LEU A 339 -7.77 9.96 7.83
N ARG A 340 -7.49 11.01 8.60
CA ARG A 340 -6.80 10.84 9.88
C ARG A 340 -7.55 9.93 10.86
N ASP A 341 -8.84 10.21 11.03
CA ASP A 341 -9.68 9.47 11.96
C ASP A 341 -9.83 8.01 11.55
N PHE A 342 -10.00 7.80 10.26
CA PHE A 342 -10.04 6.46 9.65
C PHE A 342 -8.75 5.69 9.98
N ILE A 343 -7.59 6.31 9.73
CA ILE A 343 -6.29 5.68 9.99
C ILE A 343 -6.05 5.36 11.48
N GLU A 344 -6.54 6.24 12.36
CA GLU A 344 -6.43 5.97 13.80
C GLU A 344 -7.10 4.64 14.18
N LEU A 345 -8.25 4.35 13.58
CA LEU A 345 -8.99 3.10 13.88
C LEU A 345 -8.30 1.85 13.33
N GLN A 346 -7.41 2.01 12.35
CA GLN A 346 -6.72 0.89 11.73
C GLN A 346 -5.41 0.52 12.41
N GLN A 347 -5.02 1.25 13.45
CA GLN A 347 -3.71 1.04 14.08
C GLN A 347 -3.53 -0.36 14.67
N PRO A 348 -2.27 -0.78 14.86
CA PRO A 348 -2.01 -2.03 15.57
C PRO A 348 -2.76 -2.14 16.90
N ASN A 349 -3.24 -3.34 17.20
CA ASN A 349 -3.88 -3.60 18.50
C ASN A 349 -2.82 -3.54 19.60
N ALA A 350 -3.26 -3.60 20.86
CA ALA A 350 -2.37 -3.49 22.01
C ALA A 350 -1.30 -4.58 22.04
N ALA A 351 -1.64 -5.82 21.68
CA ALA A 351 -0.65 -6.90 21.71
C ALA A 351 0.50 -6.66 20.71
N PHE A 352 0.13 -6.22 19.50
CA PHE A 352 1.11 -5.88 18.45
C PHE A 352 1.97 -4.67 18.87
N ARG A 353 1.33 -3.62 19.38
CA ARG A 353 2.06 -2.46 19.92
C ARG A 353 3.05 -2.85 21.03
N ASP A 354 2.59 -3.66 21.99
CA ASP A 354 3.47 -4.16 23.06
C ASP A 354 4.66 -4.95 22.48
N PHE A 355 4.39 -5.83 21.51
CA PHE A 355 5.42 -6.62 20.84
C PHE A 355 6.52 -5.72 20.23
N GLN A 356 6.09 -4.71 19.47
CA GLN A 356 7.02 -3.76 18.86
C GLN A 356 7.74 -2.91 19.93
N ARG A 357 7.01 -2.54 20.99
CA ARG A 357 7.60 -1.74 22.06
C ARG A 357 8.77 -2.50 22.72
N GLN A 358 8.54 -3.76 23.09
CA GLN A 358 9.61 -4.56 23.71
C GLN A 358 10.82 -4.65 22.80
N ARG A 359 10.58 -4.83 21.50
CA ARG A 359 11.68 -4.81 20.53
C ARG A 359 12.47 -3.51 20.54
N LEU A 360 11.78 -2.38 20.65
CA LEU A 360 12.46 -1.06 20.68
C LEU A 360 13.21 -0.83 21.98
N GLU A 361 12.67 -1.32 23.11
CA GLU A 361 13.39 -1.28 24.39
C GLU A 361 14.73 -2.01 24.31
N GLU A 362 14.71 -3.19 23.69
CA GLU A 362 15.91 -4.02 23.55
C GLU A 362 16.93 -3.38 22.61
N LEU A 363 16.44 -2.81 21.52
CA LEU A 363 17.31 -2.09 20.60
C LEU A 363 17.92 -0.85 21.27
N ALA A 364 17.09 -0.06 21.95
CA ALA A 364 17.61 1.08 22.73
C ALA A 364 18.74 0.66 23.68
N ALA A 365 18.54 -0.47 24.38
CA ALA A 365 19.55 -1.04 25.27
C ALA A 365 20.80 -1.49 24.52
N GLN A 366 20.64 -2.12 23.35
CA GLN A 366 21.77 -2.49 22.48
C GLN A 366 22.59 -1.27 22.05
N PHE A 367 21.90 -0.18 21.76
CA PHE A 367 22.54 1.09 21.40
C PHE A 367 23.12 1.87 22.58
N GLY A 368 22.91 1.38 23.80
CA GLY A 368 23.39 2.05 25.00
C GLY A 368 22.60 3.31 25.33
N LEU A 369 21.29 3.26 25.06
CA LEU A 369 20.40 4.37 25.32
C LEU A 369 19.40 4.11 26.46
N CYS A 370 19.27 2.86 26.91
CA CYS A 370 18.45 2.47 28.09
C CYS A 370 17.32 3.44 28.50
N THR B 1 -6.25 -30.58 -18.71
CA THR B 1 -7.22 -31.13 -17.71
C THR B 1 -7.80 -30.04 -16.81
N ARG B 2 -8.96 -30.35 -16.24
CA ARG B 2 -9.85 -29.36 -15.59
C ARG B 2 -10.42 -28.32 -16.58
N ARG B 3 -11.73 -28.16 -16.52
CA ARG B 3 -12.49 -27.27 -17.37
C ARG B 3 -12.88 -26.09 -16.49
N THR B 4 -12.33 -24.91 -16.78
CA THR B 4 -12.57 -23.69 -15.98
C THR B 4 -13.36 -22.69 -16.81
N ALA B 5 -14.52 -22.30 -16.30
CA ALA B 5 -15.34 -21.27 -16.92
C ALA B 5 -14.84 -19.91 -16.44
N PHE B 6 -14.68 -18.98 -17.36
CA PHE B 6 -14.24 -17.63 -17.06
C PHE B 6 -15.39 -16.70 -17.41
N PHE B 7 -16.10 -16.23 -16.39
CA PHE B 7 -17.22 -15.32 -16.60
C PHE B 7 -16.73 -13.89 -16.61
N PHE B 8 -16.95 -13.24 -17.75
CA PHE B 8 -16.40 -11.91 -18.05
C PHE B 8 -17.35 -11.17 -18.97
N ASP B 9 -17.44 -9.86 -18.76
CA ASP B 9 -18.12 -8.99 -19.71
C ASP B 9 -17.41 -7.65 -19.69
N GLU B 10 -17.09 -7.16 -20.88
CA GLU B 10 -16.44 -5.86 -21.05
C GLU B 10 -17.19 -4.72 -20.36
N LEU B 11 -18.52 -4.79 -20.35
CA LEU B 11 -19.33 -3.72 -19.75
C LEU B 11 -19.07 -3.55 -18.24
N CYS B 12 -18.69 -4.62 -17.53
CA CYS B 12 -18.23 -4.48 -16.14
C CYS B 12 -17.04 -3.53 -15.96
N LEU B 13 -16.23 -3.38 -17.00
CA LEU B 13 -15.12 -2.44 -16.96
C LEU B 13 -15.51 -1.00 -17.27
N TRP B 14 -16.79 -0.74 -17.55
CA TRP B 14 -17.28 0.61 -17.87
C TRP B 14 -17.92 1.31 -16.68
N HIS B 15 -18.09 0.60 -15.56
CA HIS B 15 -18.55 1.21 -14.31
C HIS B 15 -17.49 2.21 -13.84
N ALA B 16 -17.89 3.45 -13.58
CA ALA B 16 -16.92 4.45 -13.12
C ALA B 16 -17.57 5.50 -12.24
N ALA B 17 -17.01 5.69 -11.05
CA ALA B 17 -17.50 6.72 -10.13
C ALA B 17 -17.09 8.11 -10.57
N GLY B 18 -17.66 9.12 -9.93
CA GLY B 18 -17.20 10.51 -10.08
C GLY B 18 -15.77 10.69 -9.60
N PRO B 19 -15.23 11.92 -9.71
CA PRO B 19 -13.82 12.15 -9.34
C PRO B 19 -13.49 11.83 -7.87
N HIS B 20 -12.47 10.99 -7.70
CA HIS B 20 -11.95 10.59 -6.40
C HIS B 20 -10.44 10.53 -6.50
N ALA B 21 -9.76 10.90 -5.42
CA ALA B 21 -8.32 10.71 -5.28
C ALA B 21 -8.15 9.53 -4.34
N LEU B 22 -7.87 8.36 -4.94
CA LEU B 22 -7.87 7.07 -4.25
C LEU B 22 -9.28 6.78 -3.73
N THR B 23 -9.51 6.84 -2.41
CA THR B 23 -10.83 6.63 -1.82
C THR B 23 -11.50 7.95 -1.42
N LEU B 24 -10.80 9.07 -1.57
CA LEU B 24 -11.29 10.35 -1.09
C LEU B 24 -12.12 11.02 -2.16
N PRO B 25 -13.38 11.37 -1.84
CA PRO B 25 -14.12 12.16 -2.81
C PRO B 25 -13.41 13.48 -3.09
N VAL B 26 -13.39 13.87 -4.36
CA VAL B 26 -12.84 15.16 -4.74
C VAL B 26 -13.81 16.23 -4.25
N GLY B 27 -13.25 17.37 -3.89
CA GLY B 27 -13.98 18.47 -3.27
C GLY B 27 -13.23 18.88 -2.02
N GLY B 28 -13.50 20.09 -1.54
CA GLY B 28 -12.84 20.60 -0.35
C GLY B 28 -11.34 20.67 -0.55
N TRP B 29 -10.59 20.01 0.34
CA TRP B 29 -9.14 20.00 0.27
C TRP B 29 -8.56 18.90 -0.63
N VAL B 30 -9.40 18.06 -1.24
CA VAL B 30 -8.93 16.96 -2.10
C VAL B 30 -8.99 17.39 -3.57
N GLN B 31 -7.82 17.63 -4.15
CA GLN B 31 -7.68 18.08 -5.51
C GLN B 31 -8.06 16.97 -6.49
N PRO B 32 -8.75 17.33 -7.61
CA PRO B 32 -9.01 16.29 -8.61
C PRO B 32 -7.70 15.73 -9.17
N PRO B 33 -7.61 14.41 -9.35
CA PRO B 33 -6.38 13.86 -9.89
C PRO B 33 -6.24 14.14 -11.38
N ALA B 34 -5.02 14.26 -11.85
CA ALA B 34 -4.77 14.53 -13.26
C ALA B 34 -5.02 13.28 -14.10
N ALA B 35 -4.78 12.10 -13.50
CA ALA B 35 -4.87 10.83 -14.21
C ALA B 35 -5.73 9.85 -13.44
N ALA B 36 -5.20 9.28 -12.36
CA ALA B 36 -5.78 8.11 -11.70
C ALA B 36 -6.91 8.53 -10.79
N GLY B 37 -8.11 8.02 -11.05
CA GLY B 37 -9.31 8.42 -10.31
C GLY B 37 -9.52 7.59 -9.05
N HIS B 38 -10.71 7.03 -8.93
CA HIS B 38 -11.09 6.23 -7.76
C HIS B 38 -10.27 4.94 -7.73
N ALA B 39 -9.93 4.47 -6.52
CA ALA B 39 -9.12 3.26 -6.35
C ALA B 39 -9.71 2.04 -7.07
N GLU B 40 -11.01 1.82 -6.89
CA GLU B 40 -11.77 0.82 -7.66
C GLU B 40 -11.93 1.24 -9.15
N SER B 41 -10.81 1.27 -9.86
CA SER B 41 -10.80 1.70 -11.25
C SER B 41 -11.00 0.50 -12.18
N PRO B 42 -11.44 0.76 -13.42
CA PRO B 42 -11.49 -0.33 -14.40
C PRO B 42 -10.14 -0.99 -14.69
N GLU B 43 -9.07 -0.18 -14.64
CA GLU B 43 -7.74 -0.64 -15.05
C GLU B 43 -7.20 -1.83 -14.31
N THR B 44 -7.49 -1.96 -13.03
CA THR B 44 -7.00 -3.10 -12.29
C THR B 44 -7.53 -4.42 -12.90
N LYS B 45 -8.84 -4.45 -13.14
CA LYS B 45 -9.48 -5.63 -13.69
C LYS B 45 -9.19 -5.78 -15.19
N ARG B 46 -9.10 -4.66 -15.90
CA ARG B 46 -8.74 -4.69 -17.32
C ARG B 46 -7.36 -5.30 -17.58
N ARG B 47 -6.39 -4.92 -16.78
CA ARG B 47 -5.03 -5.40 -16.98
C ARG B 47 -4.93 -6.90 -16.70
N LEU B 48 -5.76 -7.41 -15.79
CA LEU B 48 -5.84 -8.85 -15.58
C LEU B 48 -6.35 -9.54 -16.84
N LYS B 49 -7.43 -9.03 -17.41
CA LYS B 49 -7.98 -9.57 -18.62
C LYS B 49 -6.95 -9.53 -19.76
N SER B 50 -6.26 -8.39 -19.90
CA SER B 50 -5.25 -8.25 -20.94
C SER B 50 -4.09 -9.25 -20.80
N LEU B 51 -3.66 -9.48 -19.57
CA LEU B 51 -2.59 -10.44 -19.31
C LEU B 51 -3.05 -11.89 -19.55
N LEU B 52 -4.30 -12.21 -19.16
CA LEU B 52 -4.86 -13.52 -19.50
C LEU B 52 -4.83 -13.73 -21.03
N ASP B 53 -5.14 -12.69 -21.79
CA ASP B 53 -5.17 -12.76 -23.24
C ASP B 53 -3.77 -12.97 -23.83
N VAL B 54 -2.83 -12.08 -23.52
CA VAL B 54 -1.49 -12.17 -24.12
C VAL B 54 -0.70 -13.40 -23.65
N SER B 55 -0.99 -13.90 -22.44
CA SER B 55 -0.31 -15.09 -21.92
C SER B 55 -0.79 -16.39 -22.56
N GLY B 56 -1.94 -16.35 -23.26
CA GLY B 56 -2.55 -17.55 -23.84
C GLY B 56 -3.56 -18.24 -22.94
N LEU B 57 -3.77 -17.74 -21.71
CA LEU B 57 -4.68 -18.39 -20.78
C LEU B 57 -6.13 -18.30 -21.19
N THR B 58 -6.55 -17.14 -21.69
CA THR B 58 -7.95 -16.92 -22.06
C THR B 58 -8.41 -17.97 -23.07
N ALA B 59 -7.55 -18.28 -24.04
CA ALA B 59 -7.81 -19.31 -25.05
C ALA B 59 -8.01 -20.73 -24.50
N ARG B 60 -7.46 -21.02 -23.32
CA ARG B 60 -7.59 -22.33 -22.66
C ARG B 60 -8.78 -22.43 -21.67
N LEU B 61 -9.52 -21.34 -21.48
CA LEU B 61 -10.68 -21.29 -20.58
C LEU B 61 -11.97 -21.32 -21.40
N GLN B 62 -13.10 -21.57 -20.74
CA GLN B 62 -14.42 -21.37 -21.37
C GLN B 62 -14.91 -19.96 -21.07
N LEU B 63 -14.66 -19.05 -22.01
CA LEU B 63 -15.01 -17.63 -21.87
C LEU B 63 -16.52 -17.46 -22.02
N ARG B 64 -17.17 -16.92 -21.00
CA ARG B 64 -18.63 -16.80 -20.98
C ARG B 64 -19.08 -15.47 -20.41
N SER B 65 -20.23 -14.99 -20.88
CA SER B 65 -20.92 -13.88 -20.25
C SER B 65 -22.23 -14.46 -19.70
N ALA B 66 -23.12 -13.58 -19.26
CA ALA B 66 -24.39 -14.02 -18.73
C ALA B 66 -25.36 -12.86 -18.71
N PRO B 67 -26.67 -13.16 -18.64
CA PRO B 67 -27.62 -12.08 -18.47
C PRO B 67 -27.44 -11.35 -17.12
N PRO B 68 -27.91 -10.09 -17.04
CA PRO B 68 -27.85 -9.40 -15.75
C PRO B 68 -28.77 -10.06 -14.73
N ALA B 69 -28.53 -9.82 -13.44
CA ALA B 69 -29.43 -10.30 -12.40
C ALA B 69 -30.82 -9.72 -12.62
N SER B 70 -31.84 -10.57 -12.52
CA SER B 70 -33.22 -10.13 -12.56
C SER B 70 -33.55 -9.38 -11.26
N ASP B 71 -34.63 -8.58 -11.29
CA ASP B 71 -35.13 -7.97 -10.05
C ASP B 71 -35.53 -9.07 -9.04
N GLU B 72 -36.09 -10.18 -9.51
CA GLU B 72 -36.38 -11.31 -8.62
C GLU B 72 -35.16 -11.75 -7.83
N ASP B 73 -34.04 -11.93 -8.54
CA ASP B 73 -32.79 -12.40 -7.90
C ASP B 73 -32.25 -11.38 -6.91
N LEU B 74 -32.28 -10.11 -7.30
CA LEU B 74 -31.83 -9.04 -6.42
C LEU B 74 -32.72 -8.92 -5.18
N LEU B 75 -34.04 -9.04 -5.36
CA LEU B 75 -35.01 -8.89 -4.28
C LEU B 75 -34.94 -9.97 -3.19
N ARG B 76 -34.30 -11.09 -3.47
CA ARG B 76 -34.02 -12.11 -2.45
C ARG B 76 -33.17 -11.53 -1.31
N VAL B 77 -32.28 -10.59 -1.64
CA VAL B 77 -31.51 -9.89 -0.60
C VAL B 77 -31.84 -8.39 -0.42
N HIS B 78 -32.07 -7.64 -1.50
CA HIS B 78 -32.29 -6.21 -1.41
C HIS B 78 -33.75 -5.81 -1.54
N PRO B 79 -34.18 -4.76 -0.82
CA PRO B 79 -35.55 -4.27 -0.96
C PRO B 79 -35.76 -3.47 -2.25
N ALA B 80 -37.01 -3.41 -2.70
CA ALA B 80 -37.39 -2.68 -3.90
C ALA B 80 -37.06 -1.21 -3.80
N HIS B 81 -37.23 -0.60 -2.62
CA HIS B 81 -36.89 0.82 -2.47
C HIS B 81 -35.38 1.09 -2.63
N TYR B 82 -34.54 0.11 -2.30
CA TYR B 82 -33.10 0.20 -2.55
C TYR B 82 -32.78 0.17 -4.06
N LEU B 83 -33.40 -0.78 -4.77
CA LEU B 83 -33.28 -0.84 -6.22
C LEU B 83 -33.71 0.46 -6.88
N GLU B 84 -34.83 1.01 -6.42
CA GLU B 84 -35.37 2.26 -6.97
C GLU B 84 -34.46 3.46 -6.69
N ARG B 85 -33.99 3.59 -5.47
CA ARG B 85 -33.03 4.65 -5.12
C ARG B 85 -31.72 4.54 -5.95
N PHE B 86 -31.23 3.32 -6.14
CA PHE B 86 -30.02 3.06 -6.94
C PHE B 86 -30.25 3.48 -8.40
N LYS B 87 -31.31 2.96 -9.01
CA LYS B 87 -31.62 3.29 -10.41
C LYS B 87 -31.80 4.81 -10.62
N ALA B 88 -32.49 5.47 -9.69
CA ALA B 88 -32.71 6.93 -9.79
C ALA B 88 -31.39 7.69 -9.78
N LEU B 89 -30.52 7.37 -8.82
CA LEU B 89 -29.23 8.04 -8.73
C LEU B 89 -28.36 7.70 -9.96
N SER B 90 -28.42 6.44 -10.40
CA SER B 90 -27.71 5.99 -11.62
C SER B 90 -28.17 6.74 -12.87
N ASP B 91 -29.48 6.97 -13.00
CA ASP B 91 -30.08 7.77 -14.09
C ASP B 91 -29.82 9.29 -14.05
N ALA B 92 -29.32 9.82 -12.93
CA ALA B 92 -29.06 11.26 -12.77
C ALA B 92 -27.56 11.59 -12.72
N GLY B 93 -26.75 10.82 -13.43
CA GLY B 93 -25.30 11.07 -13.49
C GLY B 93 -24.47 10.45 -12.36
N GLY B 94 -25.13 9.77 -11.43
CA GLY B 94 -24.46 9.13 -10.30
C GLY B 94 -24.34 10.02 -9.07
N GLY B 95 -23.50 9.59 -8.15
CA GLY B 95 -23.32 10.25 -6.87
C GLY B 95 -23.06 9.22 -5.78
N SER B 96 -23.44 9.57 -4.55
CA SER B 96 -23.11 8.77 -3.38
C SER B 96 -24.29 7.90 -2.96
N LEU B 97 -24.11 6.59 -3.06
CA LEU B 97 -25.16 5.63 -2.72
C LEU B 97 -25.04 5.16 -1.27
N GLY B 98 -23.84 5.20 -0.70
CA GLY B 98 -23.63 4.85 0.70
C GLY B 98 -22.31 5.37 1.23
N GLN B 99 -21.82 4.74 2.30
CA GLN B 99 -20.54 5.13 2.90
C GLN B 99 -19.40 4.51 2.08
N ASP B 100 -18.58 5.37 1.47
CA ASP B 100 -17.53 4.93 0.54
C ASP B 100 -18.13 4.04 -0.58
N ALA B 101 -19.24 4.50 -1.15
CA ALA B 101 -19.95 3.76 -2.22
C ALA B 101 -20.46 4.70 -3.31
N PRO B 102 -19.51 5.35 -4.02
CA PRO B 102 -19.90 6.26 -5.10
C PRO B 102 -20.27 5.49 -6.38
N ILE B 103 -21.34 5.92 -7.05
CA ILE B 103 -21.74 5.35 -8.33
C ILE B 103 -21.64 6.37 -9.43
N GLY B 104 -21.59 5.87 -10.66
CA GLY B 104 -21.57 6.71 -11.83
C GLY B 104 -22.82 6.57 -12.67
N PRO B 105 -22.86 7.29 -13.79
CA PRO B 105 -24.00 7.17 -14.70
C PRO B 105 -24.04 5.77 -15.31
N GLY B 106 -25.19 5.13 -15.24
CA GLY B 106 -25.37 3.76 -15.72
C GLY B 106 -24.85 2.64 -14.84
N SER B 107 -24.33 2.96 -13.64
CA SER B 107 -23.82 1.96 -12.69
C SER B 107 -24.83 0.90 -12.25
N TYR B 108 -26.12 1.24 -12.25
CA TYR B 108 -27.19 0.31 -11.90
C TYR B 108 -27.20 -0.92 -12.80
N GLU B 109 -27.24 -0.67 -14.10
CA GLU B 109 -27.25 -1.74 -15.11
C GLU B 109 -25.96 -2.56 -15.01
N ILE B 110 -24.84 -1.90 -14.77
CA ILE B 110 -23.53 -2.59 -14.72
C ILE B 110 -23.41 -3.44 -13.43
N ALA B 111 -23.94 -2.93 -12.33
CA ALA B 111 -24.01 -3.69 -11.07
C ALA B 111 -24.92 -4.91 -11.19
N ARG B 112 -26.05 -4.78 -11.91
CA ARG B 112 -26.90 -5.93 -12.19
C ARG B 112 -26.14 -7.00 -13.00
N LEU B 113 -25.30 -6.56 -13.92
CA LEU B 113 -24.50 -7.46 -14.74
C LEU B 113 -23.46 -8.22 -13.91
N SER B 114 -22.75 -7.48 -13.05
CA SER B 114 -21.79 -8.05 -12.09
C SER B 114 -22.40 -9.15 -11.22
N ALA B 115 -23.57 -8.86 -10.66
CA ALA B 115 -24.36 -9.84 -9.91
C ALA B 115 -24.74 -11.04 -10.77
N GLY B 116 -25.17 -10.76 -12.00
CA GLY B 116 -25.52 -11.79 -12.97
C GLY B 116 -24.39 -12.74 -13.33
N LEU B 117 -23.17 -12.21 -13.44
CA LEU B 117 -22.02 -13.09 -13.69
C LEU B 117 -21.77 -14.04 -12.52
N ALA B 118 -21.93 -13.53 -11.31
CA ALA B 118 -21.77 -14.36 -10.10
C ALA B 118 -22.85 -15.44 -10.04
N ILE B 119 -24.10 -15.03 -10.25
CA ILE B 119 -25.24 -15.98 -10.32
C ILE B 119 -24.93 -17.09 -11.32
N ALA B 120 -24.52 -16.67 -12.52
CA ALA B 120 -24.24 -17.62 -13.62
C ALA B 120 -23.05 -18.54 -13.36
N ALA B 121 -22.04 -18.05 -12.66
CA ALA B 121 -20.86 -18.86 -12.35
C ALA B 121 -21.18 -20.00 -11.41
N LEU B 122 -21.93 -19.70 -10.35
CA LEU B 122 -22.40 -20.74 -9.41
C LEU B 122 -23.32 -21.72 -10.13
N ASP B 123 -24.17 -21.21 -11.01
CA ASP B 123 -25.08 -22.08 -11.77
C ASP B 123 -24.33 -23.07 -12.67
N ALA B 124 -23.33 -22.57 -13.39
CA ALA B 124 -22.54 -23.37 -14.31
C ALA B 124 -21.79 -24.48 -13.60
N VAL B 125 -21.23 -24.17 -12.45
CA VAL B 125 -20.50 -25.15 -11.66
C VAL B 125 -21.47 -26.15 -10.99
N LEU B 126 -22.62 -25.69 -10.49
CA LEU B 126 -23.63 -26.63 -9.92
C LEU B 126 -24.27 -27.53 -10.99
N ALA B 127 -24.41 -26.99 -12.21
CA ALA B 127 -24.94 -27.76 -13.34
C ALA B 127 -23.92 -28.71 -13.97
N GLY B 128 -22.66 -28.62 -13.56
CA GLY B 128 -21.62 -29.48 -14.13
C GLY B 128 -21.22 -29.08 -15.54
N GLU B 129 -21.44 -27.81 -15.90
CA GLU B 129 -20.98 -27.26 -17.18
C GLU B 129 -19.47 -26.98 -17.15
N ALA B 130 -18.89 -26.89 -15.96
CA ALA B 130 -17.46 -26.76 -15.79
C ALA B 130 -17.11 -27.28 -14.42
N ASP B 131 -15.84 -27.58 -14.21
CA ASP B 131 -15.36 -28.09 -12.93
C ASP B 131 -15.28 -26.96 -11.91
N ASN B 132 -14.84 -25.81 -12.39
CA ASN B 132 -14.75 -24.62 -11.54
C ASN B 132 -14.89 -23.35 -12.38
N ALA B 133 -14.92 -22.20 -11.72
CA ALA B 133 -15.18 -20.96 -12.43
C ALA B 133 -14.57 -19.75 -11.78
N TYR B 134 -14.24 -18.76 -12.59
CA TYR B 134 -13.77 -17.47 -12.13
C TYR B 134 -14.69 -16.41 -12.71
N SER B 135 -15.25 -15.57 -11.85
CA SER B 135 -16.16 -14.53 -12.27
C SER B 135 -15.52 -13.19 -11.99
N LEU B 136 -15.26 -12.42 -13.05
CA LEU B 136 -14.69 -11.09 -12.95
C LEU B 136 -15.82 -10.06 -12.70
N SER B 137 -16.40 -10.17 -11.51
CA SER B 137 -17.60 -9.38 -11.14
C SER B 137 -17.16 -7.99 -10.62
N ARG B 138 -17.14 -6.99 -11.51
CA ARG B 138 -17.03 -5.59 -11.10
C ARG B 138 -18.32 -4.82 -11.43
N PRO B 139 -18.89 -4.03 -10.51
CA PRO B 139 -18.37 -3.75 -9.17
C PRO B 139 -18.52 -4.93 -8.19
N PRO B 140 -17.74 -4.90 -7.10
CA PRO B 140 -17.67 -6.02 -6.16
C PRO B 140 -18.87 -6.06 -5.21
N GLY B 141 -18.90 -7.08 -4.35
CA GLY B 141 -20.06 -7.39 -3.54
C GLY B 141 -19.91 -7.51 -2.02
N ALA B 142 -18.71 -7.81 -1.53
CA ALA B 142 -18.54 -8.38 -0.17
C ALA B 142 -18.92 -7.47 0.98
N HIS B 143 -18.89 -6.16 0.75
CA HIS B 143 -19.27 -5.21 1.77
C HIS B 143 -20.72 -4.79 1.76
N CYS B 144 -21.46 -5.12 0.70
CA CYS B 144 -22.83 -4.63 0.55
C CYS B 144 -23.79 -5.31 1.54
N LEU B 145 -24.47 -4.50 2.34
CA LEU B 145 -25.59 -4.97 3.16
C LEU B 145 -26.89 -4.91 2.33
N PRO B 146 -27.91 -5.68 2.72
CA PRO B 146 -29.20 -5.67 2.01
C PRO B 146 -29.75 -4.27 1.75
N ASP B 147 -29.63 -3.44 2.77
CA ASP B 147 -30.24 -2.12 2.86
C ASP B 147 -29.23 -0.97 2.71
N GLN B 148 -27.95 -1.29 2.45
CA GLN B 148 -26.89 -0.27 2.52
C GLN B 148 -25.66 -0.61 1.66
N ALA B 149 -25.40 0.21 0.63
CA ALA B 149 -24.16 0.12 -0.17
C ALA B 149 -22.97 0.53 0.68
N MET B 150 -21.82 -0.14 0.51
CA MET B 150 -20.58 0.31 1.18
C MET B 150 -19.34 -0.38 0.65
N GLY B 151 -18.18 0.21 0.92
CA GLY B 151 -16.92 -0.33 0.46
C GLY B 151 -16.88 -0.64 -1.04
N PHE B 152 -17.42 0.27 -1.85
CA PHE B 152 -17.40 0.16 -3.31
C PHE B 152 -18.37 -0.91 -3.85
N CYS B 153 -19.27 -1.41 -2.99
CA CYS B 153 -20.17 -2.50 -3.32
C CYS B 153 -21.62 -2.01 -3.27
N PHE B 154 -22.39 -2.40 -4.28
CA PHE B 154 -23.75 -1.91 -4.49
C PHE B 154 -24.83 -2.99 -4.50
N PHE B 155 -24.46 -4.21 -4.86
CA PHE B 155 -25.25 -5.41 -4.58
C PHE B 155 -24.37 -6.46 -3.90
N ALA B 156 -25.00 -7.34 -3.12
CA ALA B 156 -24.31 -8.39 -2.38
C ALA B 156 -24.15 -9.58 -3.31
N ASN B 157 -23.22 -9.43 -4.25
CA ASN B 157 -23.10 -10.35 -5.39
C ASN B 157 -23.14 -11.82 -4.99
N ILE B 158 -22.26 -12.21 -4.07
CA ILE B 158 -22.16 -13.62 -3.64
C ILE B 158 -23.44 -14.10 -2.96
N ALA B 159 -23.99 -13.31 -2.04
CA ALA B 159 -25.26 -13.67 -1.40
C ALA B 159 -26.40 -13.79 -2.42
N VAL B 160 -26.50 -12.83 -3.34
CA VAL B 160 -27.48 -12.94 -4.46
C VAL B 160 -27.30 -14.25 -5.23
N ALA B 161 -26.08 -14.57 -5.60
CA ALA B 161 -25.79 -15.80 -6.33
C ALA B 161 -26.11 -17.07 -5.54
N ILE B 162 -25.77 -17.08 -4.25
CA ILE B 162 -26.12 -18.21 -3.38
C ILE B 162 -27.63 -18.39 -3.26
N GLU B 163 -28.35 -17.31 -2.97
CA GLU B 163 -29.81 -17.39 -2.85
C GLU B 163 -30.48 -17.89 -4.14
N ALA B 164 -29.95 -17.45 -5.28
CA ALA B 164 -30.43 -17.93 -6.59
C ALA B 164 -30.12 -19.40 -6.80
N ALA B 165 -28.92 -19.81 -6.39
CA ALA B 165 -28.50 -21.20 -6.52
C ALA B 165 -29.32 -22.14 -5.65
N LYS B 166 -29.66 -21.67 -4.45
CA LYS B 166 -30.51 -22.44 -3.55
C LYS B 166 -31.90 -22.61 -4.15
N ALA B 167 -32.45 -21.53 -4.70
CA ALA B 167 -33.75 -21.56 -5.37
C ALA B 167 -33.76 -22.51 -6.57
N ARG B 168 -32.68 -22.53 -7.36
CA ARG B 168 -32.64 -23.29 -8.62
C ARG B 168 -32.10 -24.72 -8.46
N HIS B 169 -31.08 -24.93 -7.62
CA HIS B 169 -30.44 -26.25 -7.47
C HIS B 169 -30.65 -26.95 -6.12
N GLY B 170 -31.06 -26.23 -5.09
CA GLY B 170 -31.24 -26.81 -3.76
C GLY B 170 -29.95 -27.30 -3.09
N VAL B 171 -28.83 -26.66 -3.40
CA VAL B 171 -27.58 -26.87 -2.64
C VAL B 171 -27.85 -26.50 -1.17
N GLU B 172 -27.35 -27.32 -0.23
CA GLU B 172 -27.67 -27.17 1.20
C GLU B 172 -26.54 -26.61 2.06
N ARG B 173 -25.31 -26.74 1.60
CA ARG B 173 -24.13 -26.33 2.38
C ARG B 173 -23.13 -25.62 1.46
N VAL B 174 -23.04 -24.31 1.60
CA VAL B 174 -22.12 -23.49 0.82
C VAL B 174 -21.13 -22.83 1.76
N ALA B 175 -19.84 -22.95 1.44
CA ALA B 175 -18.80 -22.25 2.18
C ALA B 175 -18.30 -21.07 1.36
N VAL B 176 -18.26 -19.89 1.98
CA VAL B 176 -17.71 -18.70 1.36
C VAL B 176 -16.41 -18.36 2.08
N LEU B 177 -15.30 -18.46 1.38
CA LEU B 177 -14.00 -18.08 1.93
C LEU B 177 -13.61 -16.73 1.32
N ASP B 178 -13.52 -15.72 2.17
CA ASP B 178 -13.20 -14.40 1.70
C ASP B 178 -11.76 -14.02 2.08
N TRP B 179 -10.86 -14.09 1.08
CA TRP B 179 -9.45 -13.71 1.23
C TRP B 179 -9.08 -12.34 0.69
N ASP B 180 -10.07 -11.60 0.21
CA ASP B 180 -9.92 -10.16 0.11
C ASP B 180 -9.39 -9.69 1.47
N VAL B 181 -8.49 -8.72 1.47
CA VAL B 181 -7.82 -8.25 2.68
C VAL B 181 -8.75 -7.55 3.70
N HIS B 182 -9.93 -7.12 3.25
CA HIS B 182 -10.91 -6.46 4.08
C HIS B 182 -11.95 -7.44 4.59
N HIS B 183 -12.62 -7.08 5.67
CA HIS B 183 -13.62 -7.97 6.26
C HIS B 183 -14.85 -8.09 5.35
N GLY B 184 -15.25 -9.33 5.04
CA GLY B 184 -16.47 -9.56 4.28
C GLY B 184 -17.69 -9.35 5.15
N ASN B 185 -18.01 -8.10 5.44
CA ASN B 185 -19.09 -7.76 6.38
C ASN B 185 -20.50 -8.02 5.83
N GLY B 186 -20.69 -7.89 4.51
CA GLY B 186 -21.97 -8.16 3.89
C GLY B 186 -22.39 -9.61 3.97
N THR B 187 -21.52 -10.50 3.51
CA THR B 187 -21.69 -11.95 3.64
C THR B 187 -21.85 -12.38 5.10
N GLN B 188 -21.03 -11.83 6.00
CA GLN B 188 -21.15 -12.16 7.41
C GLN B 188 -22.53 -11.84 7.96
N ALA B 189 -23.02 -10.62 7.70
CA ALA B 189 -24.30 -10.16 8.28
C ALA B 189 -25.45 -10.97 7.72
N ILE B 190 -25.48 -11.16 6.41
CA ILE B 190 -26.59 -11.87 5.74
C ILE B 190 -26.73 -13.30 6.25
N TYR B 191 -25.60 -14.00 6.46
CA TYR B 191 -25.63 -15.40 6.85
C TYR B 191 -25.33 -15.62 8.34
N TYR B 192 -25.35 -14.56 9.14
CA TYR B 192 -24.87 -14.59 10.52
C TYR B 192 -25.64 -15.61 11.41
N ARG B 193 -26.95 -15.75 11.17
CA ARG B 193 -27.78 -16.74 11.89
C ARG B 193 -28.08 -18.01 11.09
N ARG B 194 -27.28 -18.28 10.07
CA ARG B 194 -27.48 -19.41 9.19
C ARG B 194 -26.33 -20.41 9.24
N ASP B 195 -26.74 -21.69 9.27
CA ASP B 195 -25.85 -22.83 9.25
C ASP B 195 -25.72 -23.49 7.88
N ASP B 196 -26.50 -23.02 6.89
CA ASP B 196 -26.37 -23.51 5.52
C ASP B 196 -25.24 -22.81 4.74
N VAL B 197 -24.72 -21.71 5.30
CA VAL B 197 -23.58 -20.98 4.71
C VAL B 197 -22.51 -20.72 5.76
N LEU B 198 -21.33 -21.30 5.54
CA LEU B 198 -20.17 -21.04 6.37
C LEU B 198 -19.42 -19.87 5.75
N SER B 199 -19.34 -18.75 6.47
CA SER B 199 -18.58 -17.61 5.99
C SER B 199 -17.29 -17.50 6.80
N ILE B 200 -16.16 -17.45 6.10
CA ILE B 200 -14.85 -17.29 6.70
C ILE B 200 -14.23 -16.07 6.07
N SER B 201 -13.76 -15.14 6.91
CA SER B 201 -13.01 -14.00 6.41
C SER B 201 -11.62 -14.00 7.00
N LEU B 202 -10.62 -14.01 6.11
CA LEU B 202 -9.26 -13.62 6.45
C LEU B 202 -9.16 -12.15 6.10
N HIS B 203 -8.71 -11.33 7.03
CA HIS B 203 -8.55 -9.93 6.74
C HIS B 203 -7.54 -9.30 7.67
N GLN B 204 -7.01 -8.18 7.23
CA GLN B 204 -6.15 -7.39 8.08
C GLN B 204 -6.99 -6.82 9.20
N ASP B 205 -6.52 -7.10 10.41
CA ASP B 205 -7.13 -6.62 11.65
C ASP B 205 -7.36 -5.13 11.55
N GLY B 206 -8.62 -4.72 11.57
CA GLY B 206 -8.99 -3.31 11.71
C GLY B 206 -8.90 -2.47 10.45
N CYS B 207 -8.75 -3.08 9.29
CA CYS B 207 -8.52 -2.35 8.05
C CYS B 207 -9.81 -1.75 7.49
N PHE B 208 -10.70 -2.60 6.99
CA PHE B 208 -12.04 -2.20 6.54
C PHE B 208 -13.09 -3.30 6.83
N PRO B 209 -14.17 -3.00 7.57
CA PRO B 209 -14.44 -1.70 8.17
C PRO B 209 -13.41 -1.30 9.22
N PRO B 210 -13.13 0.01 9.37
CA PRO B 210 -12.02 0.44 10.19
C PRO B 210 -12.23 0.13 11.68
N GLY B 211 -11.21 -0.45 12.30
CA GLY B 211 -11.30 -0.86 13.68
C GLY B 211 -11.96 -2.20 13.96
N TYR B 212 -12.52 -2.87 12.96
CA TYR B 212 -13.16 -4.18 13.19
C TYR B 212 -12.17 -5.34 13.17
N SER B 213 -12.16 -6.16 14.23
CA SER B 213 -11.36 -7.39 14.30
C SER B 213 -12.30 -8.58 14.09
N GLY B 214 -13.20 -8.81 15.06
CA GLY B 214 -14.29 -9.76 14.92
C GLY B 214 -14.05 -11.22 15.25
N ALA B 215 -12.91 -11.55 15.86
CA ALA B 215 -12.59 -12.93 16.21
C ALA B 215 -13.71 -13.58 17.06
N GLU B 216 -14.30 -12.82 17.97
CA GLU B 216 -15.38 -13.34 18.81
C GLU B 216 -16.75 -13.36 18.11
N ASP B 217 -16.86 -12.77 16.92
CA ASP B 217 -18.10 -12.85 16.15
C ASP B 217 -18.15 -14.14 15.34
N ILE B 218 -18.66 -15.18 15.98
CA ILE B 218 -18.69 -16.53 15.39
C ILE B 218 -20.07 -16.96 14.87
N GLY B 219 -20.99 -16.00 14.74
CA GLY B 219 -22.38 -16.31 14.39
C GLY B 219 -23.23 -16.44 15.63
N GLU B 220 -24.54 -16.45 15.45
CA GLU B 220 -25.46 -16.56 16.57
C GLU B 220 -26.58 -17.54 16.31
N ASP B 221 -27.08 -18.09 17.42
CA ASP B 221 -28.12 -19.09 17.47
C ASP B 221 -27.89 -20.18 16.43
N ARG B 222 -28.78 -20.36 15.47
CA ARG B 222 -28.60 -21.42 14.47
C ARG B 222 -27.27 -21.27 13.73
N GLY B 223 -26.79 -20.05 13.54
CA GLY B 223 -25.53 -19.80 12.88
C GLY B 223 -24.28 -19.82 13.76
N ARG B 224 -24.40 -20.16 15.04
CA ARG B 224 -23.25 -20.08 15.94
C ARG B 224 -22.25 -21.16 15.54
N GLY B 225 -21.00 -20.76 15.32
CA GLY B 225 -19.97 -21.61 14.76
C GLY B 225 -19.93 -21.70 13.24
N PHE B 226 -20.75 -20.92 12.52
CA PHE B 226 -20.75 -20.95 11.06
C PHE B 226 -20.33 -19.58 10.45
N ASN B 227 -19.65 -18.77 11.26
CA ASN B 227 -18.94 -17.58 10.80
C ASN B 227 -17.60 -17.59 11.51
N LEU B 228 -16.52 -17.30 10.79
CA LEU B 228 -15.18 -17.25 11.38
C LEU B 228 -14.36 -16.10 10.81
N ASN B 229 -13.91 -15.24 11.71
CA ASN B 229 -13.03 -14.14 11.37
C ASN B 229 -11.62 -14.41 11.83
N VAL B 230 -10.67 -14.20 10.93
CA VAL B 230 -9.27 -14.36 11.25
C VAL B 230 -8.60 -13.01 11.08
N PRO B 231 -8.55 -12.21 12.15
CA PRO B 231 -7.94 -10.88 12.04
C PRO B 231 -6.41 -10.95 12.07
N LEU B 232 -5.79 -10.94 10.90
CA LEU B 232 -4.33 -11.03 10.80
C LEU B 232 -3.68 -9.69 11.08
N LEU B 233 -2.51 -9.76 11.70
CA LEU B 233 -1.80 -8.54 12.04
C LEU B 233 -1.36 -7.82 10.75
N PRO B 234 -1.55 -6.49 10.68
CA PRO B 234 -0.99 -5.72 9.58
C PRO B 234 0.50 -6.01 9.41
N GLY B 235 0.97 -6.10 8.16
CA GLY B 235 2.37 -6.39 7.86
C GLY B 235 2.67 -7.84 7.57
N GLY B 236 1.76 -8.74 7.91
CA GLY B 236 1.93 -10.17 7.57
C GLY B 236 1.88 -10.45 6.08
N GLY B 237 2.53 -11.56 5.69
CA GLY B 237 2.50 -11.98 4.32
C GLY B 237 2.25 -13.46 4.22
N HIS B 238 3.09 -14.10 3.43
CA HIS B 238 2.87 -15.45 2.94
C HIS B 238 2.68 -16.43 4.08
N ASP B 239 3.62 -16.44 5.03
CA ASP B 239 3.54 -17.37 6.15
C ASP B 239 2.28 -17.16 6.98
N ALA B 240 1.92 -15.91 7.28
CA ALA B 240 0.70 -15.61 8.05
C ALA B 240 -0.55 -16.21 7.38
N TYR B 241 -0.66 -16.07 6.06
CA TYR B 241 -1.79 -16.62 5.33
C TYR B 241 -1.75 -18.15 5.24
N MET B 242 -0.56 -18.73 4.98
CA MET B 242 -0.42 -20.19 4.99
C MET B 242 -0.83 -20.79 6.36
N GLN B 243 -0.37 -20.19 7.45
CA GLN B 243 -0.73 -20.65 8.78
C GLN B 243 -2.26 -20.56 9.02
N ALA B 244 -2.86 -19.44 8.64
CA ALA B 244 -4.32 -19.26 8.71
C ALA B 244 -5.07 -20.33 7.93
N MET B 245 -4.62 -20.59 6.69
CA MET B 245 -5.25 -21.62 5.87
C MET B 245 -5.16 -23.01 6.51
N GLN B 246 -3.97 -23.34 7.01
CA GLN B 246 -3.73 -24.66 7.59
C GLN B 246 -4.38 -24.86 8.97
N ARG B 247 -4.36 -23.84 9.83
CA ARG B 247 -4.86 -23.97 11.20
C ARG B 247 -6.33 -23.66 11.40
N ILE B 248 -6.93 -22.83 10.52
CA ILE B 248 -8.31 -22.37 10.67
C ILE B 248 -9.20 -22.80 9.52
N VAL B 249 -8.82 -22.43 8.30
CA VAL B 249 -9.72 -22.56 7.17
C VAL B 249 -9.94 -24.03 6.81
N LEU B 250 -8.87 -24.80 6.62
CA LEU B 250 -9.03 -26.19 6.22
C LEU B 250 -9.82 -27.01 7.25
N PRO B 251 -9.48 -26.90 8.55
CA PRO B 251 -10.30 -27.56 9.57
C PRO B 251 -11.78 -27.14 9.58
N ALA B 252 -12.03 -25.84 9.43
CA ALA B 252 -13.41 -25.33 9.37
C ALA B 252 -14.17 -25.92 8.20
N LEU B 253 -13.53 -25.98 7.04
CA LEU B 253 -14.12 -26.63 5.85
C LEU B 253 -14.39 -28.12 6.04
N GLU B 254 -13.42 -28.81 6.65
CA GLU B 254 -13.53 -30.24 6.95
C GLU B 254 -14.77 -30.53 7.77
N ARG B 255 -14.99 -29.72 8.81
CA ARG B 255 -16.13 -29.88 9.70
C ARG B 255 -17.46 -29.55 9.05
N PHE B 256 -17.46 -28.58 8.15
CA PHE B 256 -18.68 -28.09 7.53
C PHE B 256 -19.16 -28.95 6.34
N ARG B 257 -18.24 -29.63 5.67
CA ARG B 257 -18.57 -30.48 4.49
C ARG B 257 -19.32 -29.69 3.41
N PRO B 258 -18.64 -28.70 2.79
CA PRO B 258 -19.34 -27.91 1.79
C PRO B 258 -19.70 -28.72 0.54
N GLN B 259 -20.86 -28.44 -0.03
CA GLN B 259 -21.24 -28.96 -1.34
C GLN B 259 -20.79 -28.05 -2.48
N LEU B 260 -20.41 -26.82 -2.11
CA LEU B 260 -19.92 -25.80 -3.02
C LEU B 260 -19.03 -24.87 -2.21
N ILE B 261 -17.87 -24.50 -2.74
CA ILE B 261 -17.03 -23.48 -2.12
C ILE B 261 -17.01 -22.26 -3.03
N VAL B 262 -17.32 -21.09 -2.48
CA VAL B 262 -17.21 -19.84 -3.20
C VAL B 262 -16.08 -19.07 -2.53
N VAL B 263 -15.17 -18.53 -3.33
CA VAL B 263 -14.09 -17.70 -2.81
C VAL B 263 -14.40 -16.27 -3.20
N ALA B 264 -14.48 -15.39 -2.20
CA ALA B 264 -14.49 -13.95 -2.43
C ALA B 264 -13.03 -13.52 -2.55
N SER B 265 -12.53 -13.48 -3.78
CA SER B 265 -11.13 -13.32 -4.05
C SER B 265 -10.77 -11.88 -4.39
N GLY B 266 -10.40 -11.14 -3.36
CA GLY B 266 -9.72 -9.86 -3.57
C GLY B 266 -8.24 -10.14 -3.62
N PHE B 267 -7.48 -9.27 -4.26
CA PHE B 267 -6.02 -9.36 -4.31
C PHE B 267 -5.35 -8.20 -3.60
N ASP B 268 -6.15 -7.46 -2.83
CA ASP B 268 -5.69 -6.30 -2.08
C ASP B 268 -4.78 -6.66 -0.88
N ALA B 269 -4.56 -7.94 -0.58
CA ALA B 269 -3.49 -8.35 0.33
C ALA B 269 -2.10 -8.38 -0.33
N ASN B 270 -2.03 -8.15 -1.64
CA ASN B 270 -0.75 -8.08 -2.33
C ASN B 270 0.16 -7.00 -1.70
N ALA B 271 1.46 -7.28 -1.78
CA ALA B 271 2.49 -6.46 -1.14
C ALA B 271 2.60 -5.01 -1.57
N VAL B 272 1.98 -4.63 -2.69
CA VAL B 272 2.01 -3.21 -3.08
C VAL B 272 0.64 -2.56 -3.15
N ASP B 273 -0.35 -3.12 -2.45
CA ASP B 273 -1.68 -2.52 -2.52
C ASP B 273 -1.73 -1.23 -1.68
N PRO B 274 -2.32 -0.16 -2.23
CA PRO B 274 -2.51 1.01 -1.39
C PRO B 274 -3.56 0.84 -0.29
N LEU B 275 -4.52 -0.08 -0.46
CA LEU B 275 -5.66 -0.13 0.46
C LEU B 275 -5.54 -1.15 1.62
N ALA B 276 -4.36 -1.76 1.77
CA ALA B 276 -4.04 -2.59 2.92
C ALA B 276 -2.54 -2.64 3.13
N ARG B 277 -2.10 -3.30 4.21
CA ARG B 277 -0.72 -3.27 4.65
C ARG B 277 -0.13 -4.68 4.69
N MET B 278 -0.65 -5.60 3.85
CA MET B 278 -0.20 -7.00 3.87
C MET B 278 0.81 -7.24 2.72
N GLN B 279 1.48 -8.39 2.76
CA GLN B 279 2.65 -8.66 1.91
C GLN B 279 2.58 -9.95 1.12
N LEU B 280 1.42 -10.22 0.51
CA LEU B 280 1.30 -11.40 -0.37
C LEU B 280 1.93 -11.18 -1.74
N HIS B 281 2.39 -12.28 -2.34
CA HIS B 281 2.83 -12.31 -3.74
C HIS B 281 1.94 -13.30 -4.49
N SER B 282 2.14 -13.39 -5.80
CA SER B 282 1.27 -14.19 -6.63
C SER B 282 1.25 -15.69 -6.26
N ASP B 283 2.40 -16.21 -5.82
CA ASP B 283 2.49 -17.60 -5.32
C ASP B 283 1.72 -17.84 -4.00
N SER B 284 1.47 -16.81 -3.19
CA SER B 284 0.60 -16.92 -2.03
C SER B 284 -0.84 -17.19 -2.47
N PHE B 285 -1.33 -16.38 -3.41
CA PHE B 285 -2.65 -16.58 -4.00
C PHE B 285 -2.76 -17.93 -4.72
N ARG B 286 -1.68 -18.35 -5.36
CA ARG B 286 -1.62 -19.64 -6.04
C ARG B 286 -1.80 -20.77 -5.03
N ALA B 287 -1.04 -20.71 -3.95
CA ALA B 287 -1.11 -21.69 -2.86
C ALA B 287 -2.46 -21.74 -2.15
N MET B 288 -3.07 -20.58 -1.89
CA MET B 288 -4.41 -20.54 -1.29
C MET B 288 -5.45 -21.18 -2.20
N THR B 289 -5.33 -20.92 -3.51
CA THR B 289 -6.22 -21.49 -4.50
C THR B 289 -6.04 -23.01 -4.60
N ALA B 290 -4.78 -23.47 -4.58
CA ALA B 290 -4.48 -24.93 -4.56
C ALA B 290 -5.10 -25.63 -3.35
N MET B 291 -4.97 -25.03 -2.18
CA MET B 291 -5.58 -25.61 -0.96
C MET B 291 -7.11 -25.64 -1.03
N VAL B 292 -7.71 -24.57 -1.50
CA VAL B 292 -9.17 -24.53 -1.59
C VAL B 292 -9.68 -25.43 -2.72
N ARG B 293 -8.99 -25.50 -3.85
CA ARG B 293 -9.36 -26.46 -4.90
C ARG B 293 -9.34 -27.90 -4.37
N ASP B 294 -8.29 -28.24 -3.63
CA ASP B 294 -8.18 -29.56 -3.00
C ASP B 294 -9.35 -29.85 -2.04
N ALA B 295 -9.67 -28.88 -1.18
CA ALA B 295 -10.82 -29.00 -0.29
C ALA B 295 -12.12 -29.21 -1.09
N ALA B 296 -12.29 -28.44 -2.16
CA ALA B 296 -13.44 -28.60 -3.05
C ALA B 296 -13.47 -29.99 -3.69
N GLU B 297 -12.32 -30.46 -4.14
CA GLU B 297 -12.23 -31.81 -4.70
C GLU B 297 -12.56 -32.89 -3.66
N ARG B 298 -12.17 -32.72 -2.41
CA ARG B 298 -12.47 -33.72 -1.38
C ARG B 298 -13.92 -33.67 -0.88
N HIS B 299 -14.53 -32.48 -0.84
CA HIS B 299 -15.89 -32.33 -0.28
C HIS B 299 -17.01 -32.10 -1.26
N ALA B 300 -16.72 -31.38 -2.36
CA ALA B 300 -17.74 -30.75 -3.16
C ALA B 300 -17.69 -31.21 -4.61
N GLY B 301 -17.13 -32.39 -4.87
CA GLY B 301 -16.95 -32.87 -6.25
C GLY B 301 -16.12 -31.97 -7.14
N GLY B 302 -15.28 -31.12 -6.55
CA GLY B 302 -14.51 -30.10 -7.25
C GLY B 302 -15.22 -28.77 -7.44
N ARG B 303 -16.44 -28.62 -6.94
CA ARG B 303 -17.26 -27.44 -7.23
C ARG B 303 -16.73 -26.20 -6.51
N LEU B 304 -16.07 -25.33 -7.27
CA LEU B 304 -15.42 -24.16 -6.73
C LEU B 304 -15.63 -22.97 -7.65
N VAL B 305 -16.11 -21.86 -7.09
CA VAL B 305 -16.25 -20.63 -7.84
C VAL B 305 -15.45 -19.54 -7.16
N VAL B 306 -14.59 -18.86 -7.93
CA VAL B 306 -13.81 -17.72 -7.44
C VAL B 306 -14.38 -16.42 -8.01
N VAL B 307 -14.78 -15.50 -7.14
CA VAL B 307 -15.43 -14.25 -7.55
C VAL B 307 -14.47 -13.14 -7.25
N HIS B 308 -14.15 -12.34 -8.27
CA HIS B 308 -13.23 -11.21 -8.10
C HIS B 308 -13.84 -10.19 -7.15
N GLU B 309 -13.06 -9.73 -6.18
CA GLU B 309 -13.53 -8.69 -5.26
C GLU B 309 -12.61 -7.47 -5.40
N GLY B 310 -11.75 -7.21 -4.40
CA GLY B 310 -10.84 -6.06 -4.44
C GLY B 310 -9.50 -6.39 -5.06
N GLY B 311 -8.55 -5.48 -4.91
CA GLY B 311 -7.28 -5.47 -5.66
C GLY B 311 -7.11 -4.12 -6.32
N TYR B 312 -6.20 -3.30 -5.82
CA TYR B 312 -6.09 -1.88 -6.24
C TYR B 312 -4.71 -1.48 -6.74
N SER B 313 -3.85 -2.46 -6.98
CA SER B 313 -2.56 -2.22 -7.61
C SER B 313 -2.70 -2.56 -9.07
N GLU B 314 -2.76 -1.52 -9.91
CA GLU B 314 -2.77 -1.72 -11.36
C GLU B 314 -1.61 -2.59 -11.86
N ALA B 315 -0.42 -2.39 -11.29
CA ALA B 315 0.78 -3.12 -11.73
C ALA B 315 0.75 -4.61 -11.36
N TYR B 316 0.29 -4.92 -10.15
CA TYR B 316 0.50 -6.25 -9.58
C TYR B 316 -0.70 -7.18 -9.52
N VAL B 317 -1.92 -6.63 -9.38
CA VAL B 317 -3.12 -7.48 -9.38
C VAL B 317 -3.17 -8.44 -10.58
N PRO B 318 -2.77 -7.98 -11.79
CA PRO B 318 -2.78 -8.93 -12.91
C PRO B 318 -2.01 -10.24 -12.68
N PHE B 319 -0.84 -10.14 -12.06
CA PHE B 319 0.02 -11.30 -11.81
C PHE B 319 -0.58 -12.20 -10.75
N CYS B 320 -1.26 -11.61 -9.77
CA CYS B 320 -1.94 -12.38 -8.73
C CYS B 320 -3.19 -13.08 -9.27
N GLY B 321 -4.03 -12.34 -9.99
CA GLY B 321 -5.22 -12.92 -10.62
C GLY B 321 -4.86 -14.05 -11.58
N LEU B 322 -3.78 -13.85 -12.35
CA LEU B 322 -3.31 -14.88 -13.27
C LEU B 322 -2.88 -16.17 -12.57
N ALA B 323 -2.25 -16.04 -11.40
CA ALA B 323 -1.83 -17.22 -10.63
C ALA B 323 -3.05 -18.03 -10.15
N VAL B 324 -4.11 -17.35 -9.72
CA VAL B 324 -5.36 -18.02 -9.30
C VAL B 324 -5.96 -18.83 -10.44
N ILE B 325 -6.12 -18.20 -11.60
CA ILE B 325 -6.70 -18.85 -12.77
C ILE B 325 -5.86 -20.02 -13.34
N GLU B 326 -4.53 -19.87 -13.37
CA GLU B 326 -3.61 -20.98 -13.67
C GLU B 326 -3.86 -22.19 -12.75
N GLU B 327 -4.04 -21.91 -11.46
CA GLU B 327 -4.27 -22.97 -10.48
C GLU B 327 -5.65 -23.60 -10.64
N LEU B 328 -6.68 -22.81 -10.90
CA LEU B 328 -8.00 -23.34 -11.17
C LEU B 328 -8.03 -24.21 -12.44
N SER B 329 -7.34 -23.73 -13.48
CA SER B 329 -7.35 -24.41 -14.78
C SER B 329 -6.32 -25.52 -14.93
N GLY B 330 -5.30 -25.53 -14.07
CA GLY B 330 -4.19 -26.46 -14.20
C GLY B 330 -3.31 -26.20 -15.42
N VAL B 331 -3.36 -24.99 -15.97
CA VAL B 331 -2.54 -24.58 -17.11
C VAL B 331 -1.50 -23.63 -16.56
N ARG B 332 -0.24 -23.83 -16.93
CA ARG B 332 0.82 -22.95 -16.49
C ARG B 332 1.31 -22.14 -17.68
N SER B 333 1.09 -20.83 -17.65
CA SER B 333 1.56 -19.96 -18.73
C SER B 333 3.06 -19.72 -18.60
N ALA B 334 3.62 -19.08 -19.61
CA ALA B 334 5.01 -18.62 -19.58
C ALA B 334 5.22 -17.35 -18.74
N VAL B 335 4.16 -16.81 -18.11
CA VAL B 335 4.29 -15.58 -17.33
C VAL B 335 5.18 -15.82 -16.09
N ARG B 336 6.14 -14.94 -15.89
CA ARG B 336 6.99 -14.94 -14.71
C ARG B 336 6.73 -13.65 -13.94
N ASP B 337 6.40 -13.78 -12.66
CA ASP B 337 6.07 -12.65 -11.80
C ASP B 337 7.34 -11.85 -11.54
N PRO B 338 7.42 -10.60 -12.07
CA PRO B 338 8.66 -9.82 -11.89
C PRO B 338 8.87 -9.23 -10.48
N LEU B 339 7.90 -9.29 -9.57
CA LEU B 339 8.07 -8.81 -8.18
C LEU B 339 8.25 -9.93 -7.14
N ARG B 340 8.03 -11.18 -7.55
CA ARG B 340 8.03 -12.35 -6.64
C ARG B 340 9.22 -12.38 -5.70
N ASP B 341 10.41 -12.35 -6.28
CA ASP B 341 11.66 -12.49 -5.53
C ASP B 341 11.92 -11.34 -4.59
N PHE B 342 11.56 -10.15 -5.02
CA PHE B 342 11.64 -8.94 -4.23
C PHE B 342 10.75 -9.06 -2.98
N ILE B 343 9.48 -9.41 -3.19
CA ILE B 343 8.50 -9.57 -2.10
C ILE B 343 8.90 -10.67 -1.11
N GLU B 344 9.50 -11.76 -1.61
CA GLU B 344 10.10 -12.78 -0.75
C GLU B 344 11.07 -12.20 0.28
N LEU B 345 11.90 -11.26 -0.14
CA LEU B 345 12.89 -10.64 0.76
C LEU B 345 12.32 -9.68 1.80
N GLN B 346 11.11 -9.18 1.56
CA GLN B 346 10.44 -8.20 2.44
C GLN B 346 9.59 -8.86 3.54
N GLN B 347 9.42 -10.17 3.47
CA GLN B 347 8.58 -10.91 4.39
C GLN B 347 8.93 -10.66 5.88
N PRO B 348 7.94 -10.76 6.79
CA PRO B 348 8.23 -10.67 8.23
C PRO B 348 9.38 -11.56 8.68
N ASN B 349 10.14 -11.11 9.68
CA ASN B 349 11.24 -11.89 10.21
C ASN B 349 10.71 -13.03 11.10
N ALA B 350 11.59 -13.92 11.53
CA ALA B 350 11.18 -15.11 12.27
C ALA B 350 10.45 -14.77 13.58
N ALA B 351 10.87 -13.73 14.29
CA ALA B 351 10.18 -13.34 15.52
C ALA B 351 8.73 -12.87 15.25
N PHE B 352 8.55 -12.07 14.20
CA PHE B 352 7.22 -11.57 13.82
C PHE B 352 6.34 -12.75 13.36
N ARG B 353 6.90 -13.63 12.53
CA ARG B 353 6.19 -14.84 12.08
C ARG B 353 5.75 -15.71 13.26
N ASP B 354 6.66 -15.94 14.21
CA ASP B 354 6.38 -16.70 15.45
C ASP B 354 5.25 -16.07 16.25
N PHE B 355 5.25 -14.74 16.33
CA PHE B 355 4.22 -14.00 17.05
C PHE B 355 2.84 -14.22 16.42
N GLN B 356 2.78 -14.11 15.11
CA GLN B 356 1.52 -14.31 14.39
C GLN B 356 1.07 -15.76 14.45
N ARG B 357 2.01 -16.70 14.32
CA ARG B 357 1.68 -18.12 14.36
C ARG B 357 1.05 -18.49 15.70
N GLN B 358 1.65 -18.02 16.78
CA GLN B 358 1.14 -18.27 18.13
C GLN B 358 -0.27 -17.72 18.33
N ARG B 359 -0.56 -16.54 17.78
CA ARG B 359 -1.91 -15.98 17.79
C ARG B 359 -2.89 -16.87 17.06
N LEU B 360 -2.48 -17.39 15.89
CA LEU B 360 -3.32 -18.28 15.11
C LEU B 360 -3.59 -19.63 15.79
N GLU B 361 -2.58 -20.19 16.46
CA GLU B 361 -2.77 -21.40 17.28
C GLU B 361 -3.81 -21.16 18.38
N GLU B 362 -3.70 -20.01 19.04
CA GLU B 362 -4.63 -19.65 20.10
C GLU B 362 -6.04 -19.44 19.54
N LEU B 363 -6.13 -18.82 18.36
CA LEU B 363 -7.40 -18.61 17.70
C LEU B 363 -8.06 -19.94 17.30
N ALA B 364 -7.29 -20.86 16.73
CA ALA B 364 -7.79 -22.20 16.38
C ALA B 364 -8.38 -22.90 17.61
N ALA B 365 -7.66 -22.85 18.73
CA ALA B 365 -8.16 -23.36 20.04
C ALA B 365 -9.44 -22.67 20.51
N GLN B 366 -9.49 -21.35 20.42
CA GLN B 366 -10.69 -20.56 20.75
C GLN B 366 -11.90 -20.97 19.90
N PHE B 367 -11.70 -21.19 18.61
CA PHE B 367 -12.76 -21.70 17.73
C PHE B 367 -13.11 -23.18 17.94
N GLY B 368 -12.30 -23.90 18.68
CA GLY B 368 -12.58 -25.31 18.95
C GLY B 368 -12.31 -26.16 17.73
N LEU B 369 -11.37 -25.74 16.89
CA LEU B 369 -11.02 -26.46 15.67
C LEU B 369 -9.94 -27.49 15.95
N CYS B 370 -10.21 -28.73 15.57
CA CYS B 370 -9.23 -29.82 15.72
C CYS B 370 -8.28 -29.81 14.55
N PRO B 371 -6.96 -29.92 14.81
CA PRO B 371 -5.99 -29.98 13.72
C PRO B 371 -5.90 -31.37 13.08
N ALA B 372 -6.91 -31.72 12.28
CA ALA B 372 -6.90 -32.97 11.53
C ALA B 372 -6.19 -32.79 10.19
N GLN B 373 -5.86 -33.91 9.57
CA GLN B 373 -5.29 -33.93 8.24
C GLN B 373 -6.44 -34.15 7.25
N PRO B 374 -6.29 -33.62 6.02
CA PRO B 374 -7.24 -33.86 4.92
C PRO B 374 -7.48 -35.35 4.60
N LEU B 375 -8.72 -35.70 4.31
CA LEU B 375 -9.05 -37.04 3.83
C LEU B 375 -10.32 -37.05 2.97
N GLN B 376 -10.58 -38.18 2.33
CA GLN B 376 -11.84 -38.38 1.58
C GLN B 376 -12.98 -38.66 2.55
ZN ZN C . 11.26 5.91 0.45
K K D . 14.64 5.82 6.62
K K E . 28.04 8.29 10.67
ZN ZN F . -11.02 -5.47 -0.35
K K G . -23.10 -18.33 8.71
K K H . -11.78 -11.09 3.90
#